data_5HYX
#
_entry.id   5HYX
#
_cell.length_a   182.335
_cell.length_b   182.335
_cell.length_c   87.441
_cell.angle_alpha   90.000
_cell.angle_beta   90.000
_cell.angle_gamma   120.000
#
_symmetry.space_group_name_H-M   'H 3'
#
loop_
_entity.id
_entity.type
_entity.pdbx_description
1 polymer 'Probable LRR receptor-like serine/threonine-protein kinase At4g26540'
2 polymer PTR-SER-ASN-PRO-GLY-HIS-HIS-PRO-HYP-ARG-HIS-ASN
3 branched 2-acetamido-2-deoxy-beta-D-glucopyranose-(1-4)-2-acetamido-2-deoxy-beta-D-glucopyranose
4 non-polymer 2-acetamido-2-deoxy-beta-D-glucopyranose
5 water water
#
loop_
_entity_poly.entity_id
_entity_poly.type
_entity_poly.pdbx_seq_one_letter_code
_entity_poly.pdbx_strand_id
1 'polypeptide(L)'
;CNWTGVKCNRRGEVSEIQLKEKQLQGSLPVTSLRSLKSLTSLTLSSLQLTGVIPKEIGDFTELELLDLSDNSLSGDIPVE
IFRLKKLKTLSLNTNNLEGHIPMEIGNLSGLVELMLFDNKLSGEIPRSIGELKNLQVLRAGGNKNLRGELPWEIGNCENL
VMLGLAETSLSGKLPASIGNLKRVQTIAIYTSLLSGPIPDEIGYCTELQNLYLYQNSISGSIPTTIGGLKKLQSLLLWQN
NLVGKIPTELGNCPELWLIDFSENLLTGTIPRSFGKLENLQELQLSVNQISGTIPEELTNCTKLTHLEIDNNLITGEIPS
LMSNLRSLTMFFAWQNKLTGNIPQSLSQCRELQAIDLSYNSLSGSIPKEIFGLRNLTKLLLLSNDLSGFIPPDIGNCTNL
YRLRLNGNRLAGSIPSEIGNLKNLNFVDISENRLVGSIPPAISGCESLEFLDLHTNSLSGSLLGTTLPKSLKFIDFSDNA
LSSTLPPGIGLLTELTKLNLAKNRLSGEIPREISTCRSLQLLNLGENDFSGEIPDELGQIPSLAISLNLSCNRFVGEIPS
RFSDLKNLGVLDVSHNQLTGNLNVLTDLQNLVSLNISYNDFSGDLPNTPFFRRLPLSDLASNRGLYISNAIST
;
B
2 'polypeptide(L)' D(PTR)SNPGHHP(HZP)RHN A
#
loop_
_chem_comp.id
_chem_comp.type
_chem_comp.name
_chem_comp.formula
NAG D-saccharide, beta linking 2-acetamido-2-deoxy-beta-D-glucopyranose 'C8 H15 N O6'
#
# COMPACT_ATOMS: atom_id res chain seq x y z
N CYS A 1 49.16 -24.89 -10.73
CA CYS A 1 49.37 -26.03 -9.85
C CYS A 1 48.65 -25.86 -8.51
N ASN A 2 49.31 -25.23 -7.54
CA ASN A 2 48.68 -24.91 -6.26
C ASN A 2 48.19 -23.46 -6.08
N TRP A 3 48.36 -22.61 -7.10
CA TRP A 3 48.02 -21.18 -6.97
C TRP A 3 46.52 -20.95 -6.69
N THR A 4 46.20 -19.89 -5.96
CA THR A 4 44.85 -19.64 -5.47
C THR A 4 43.82 -19.39 -6.58
N GLY A 5 42.73 -20.15 -6.53
CA GLY A 5 41.72 -20.10 -7.56
C GLY A 5 41.87 -21.24 -8.53
N VAL A 6 43.09 -21.78 -8.60
CA VAL A 6 43.40 -22.88 -9.49
C VAL A 6 43.28 -24.23 -8.77
N LYS A 7 42.66 -25.19 -9.43
CA LYS A 7 42.59 -26.55 -8.92
C LYS A 7 43.08 -27.53 -9.98
N CYS A 8 43.66 -28.63 -9.53
CA CYS A 8 44.31 -29.57 -10.44
C CYS A 8 43.70 -30.97 -10.43
N ASN A 9 43.67 -31.59 -11.60
CA ASN A 9 43.33 -32.99 -11.75
C ASN A 9 44.43 -33.83 -11.10
N ARG A 10 44.11 -35.07 -10.72
CA ARG A 10 45.09 -35.93 -10.08
C ARG A 10 46.30 -36.21 -10.98
N ARG A 11 46.10 -36.09 -12.29
CA ARG A 11 47.19 -36.27 -13.25
C ARG A 11 48.02 -35.01 -13.35
N GLY A 12 47.64 -33.98 -12.60
CA GLY A 12 48.36 -32.72 -12.60
C GLY A 12 47.94 -31.75 -13.67
N GLU A 13 46.83 -32.05 -14.35
CA GLU A 13 46.31 -31.17 -15.39
C GLU A 13 45.33 -30.15 -14.78
N VAL A 14 45.40 -28.91 -15.23
CA VAL A 14 44.48 -27.89 -14.72
C VAL A 14 43.03 -28.31 -14.92
N SER A 15 42.28 -28.27 -13.83
CA SER A 15 40.94 -28.82 -13.77
C SER A 15 39.91 -27.71 -13.61
N GLU A 16 40.05 -26.89 -12.58
CA GLU A 16 39.07 -25.84 -12.30
C GLU A 16 39.71 -24.48 -12.11
N ILE A 17 38.98 -23.44 -12.54
CA ILE A 17 39.38 -22.06 -12.36
C ILE A 17 38.23 -21.36 -11.65
N GLN A 18 38.52 -20.67 -10.56
CA GLN A 18 37.50 -19.92 -9.87
C GLN A 18 37.99 -18.55 -9.43
N LEU A 19 37.34 -17.50 -9.92
CA LEU A 19 37.72 -16.14 -9.58
C LEU A 19 36.50 -15.31 -9.22
N LYS A 20 36.54 -14.65 -8.05
CA LYS A 20 35.40 -13.86 -7.59
C LYS A 20 35.77 -12.55 -6.87
N GLU A 21 34.87 -11.57 -6.97
CA GLU A 21 34.94 -10.31 -6.21
C GLU A 21 36.23 -9.51 -6.36
N LYS A 22 36.87 -9.60 -7.52
CA LYS A 22 38.17 -8.94 -7.71
C LYS A 22 38.10 -7.58 -8.42
N GLN A 23 36.89 -7.12 -8.73
CA GLN A 23 36.67 -5.78 -9.27
C GLN A 23 37.50 -5.44 -10.52
N LEU A 24 37.50 -6.35 -11.48
CA LEU A 24 38.20 -6.16 -12.75
C LEU A 24 37.35 -5.34 -13.70
N GLN A 25 37.77 -5.32 -14.97
CA GLN A 25 36.93 -4.84 -16.07
C GLN A 25 37.38 -5.52 -17.36
N GLY A 26 36.78 -5.13 -18.48
CA GLY A 26 37.19 -5.63 -19.79
C GLY A 26 36.64 -7.00 -20.16
N SER A 27 37.11 -7.55 -21.28
CA SER A 27 36.68 -8.86 -21.75
C SER A 27 37.48 -9.95 -21.05
N LEU A 28 37.37 -11.18 -21.55
CA LEU A 28 38.10 -12.29 -20.93
C LEU A 28 38.86 -13.14 -21.94
N LEU A 36 44.28 -24.30 -22.98
CA LEU A 36 44.53 -25.43 -22.09
C LEU A 36 43.29 -26.30 -22.05
N LYS A 37 43.29 -27.44 -22.73
CA LYS A 37 42.04 -28.17 -22.68
C LYS A 37 42.21 -29.48 -21.94
N SER A 38 42.13 -29.41 -20.61
CA SER A 38 41.60 -30.45 -19.72
C SER A 38 40.40 -29.95 -18.89
N LEU A 39 40.10 -28.65 -19.02
CA LEU A 39 39.31 -27.90 -18.02
C LEU A 39 37.89 -28.44 -17.82
N THR A 40 37.57 -28.78 -16.58
CA THR A 40 36.24 -29.26 -16.24
C THR A 40 35.28 -28.23 -15.58
N SER A 41 35.81 -27.16 -14.98
CA SER A 41 34.97 -26.18 -14.30
C SER A 41 35.48 -24.73 -14.40
N LEU A 42 34.63 -23.82 -14.86
CA LEU A 42 35.06 -22.43 -14.99
C LEU A 42 34.08 -21.46 -14.35
N THR A 43 34.55 -20.81 -13.29
CA THR A 43 33.78 -19.74 -12.67
C THR A 43 34.53 -18.43 -12.74
N LEU A 44 34.02 -17.54 -13.60
CA LEU A 44 34.41 -16.15 -13.54
C LEU A 44 33.13 -15.41 -13.24
N SER A 45 33.00 -14.93 -12.00
CA SER A 45 31.73 -14.45 -11.49
C SER A 45 31.93 -13.24 -10.58
N SER A 46 30.99 -12.28 -10.64
CA SER A 46 31.10 -11.07 -9.82
C SER A 46 32.42 -10.32 -10.07
N LEU A 47 32.91 -10.37 -11.31
CA LEU A 47 34.17 -9.70 -11.67
C LEU A 47 34.04 -8.36 -12.39
N GLN A 48 32.81 -7.89 -12.56
CA GLN A 48 32.53 -6.65 -13.33
C GLN A 48 33.03 -6.71 -14.78
N LEU A 49 33.00 -7.91 -15.38
CA LEU A 49 33.44 -8.10 -16.76
C LEU A 49 32.47 -7.51 -17.78
N THR A 50 33.02 -7.01 -18.88
CA THR A 50 32.20 -6.46 -19.95
C THR A 50 32.44 -7.20 -21.25
N GLY A 51 31.69 -6.83 -22.29
CA GLY A 51 31.86 -7.44 -23.59
C GLY A 51 31.06 -8.70 -23.81
N VAL A 52 31.24 -9.29 -24.99
CA VAL A 52 30.55 -10.53 -25.38
C VAL A 52 31.19 -11.73 -24.69
N ILE A 53 30.43 -12.83 -24.58
CA ILE A 53 31.01 -14.09 -24.16
C ILE A 53 31.85 -14.62 -25.30
N PRO A 54 33.15 -14.82 -25.05
CA PRO A 54 34.02 -15.32 -26.11
C PRO A 54 33.45 -16.61 -26.70
N LYS A 55 33.34 -16.61 -28.02
CA LYS A 55 32.74 -17.67 -28.79
C LYS A 55 33.49 -18.99 -28.63
N GLU A 56 34.76 -18.89 -28.23
CA GLU A 56 35.62 -20.06 -28.13
C GLU A 56 35.34 -20.91 -26.88
N ILE A 57 34.43 -20.44 -26.05
CA ILE A 57 34.00 -21.18 -24.85
C ILE A 57 33.58 -22.60 -25.19
N GLY A 58 32.89 -22.76 -26.32
CA GLY A 58 32.43 -24.05 -26.77
C GLY A 58 33.55 -25.06 -26.98
N ASP A 59 34.79 -24.59 -27.01
CA ASP A 59 35.93 -25.46 -27.26
C ASP A 59 36.38 -26.31 -26.05
N PHE A 60 35.95 -25.96 -24.84
CA PHE A 60 36.41 -26.76 -23.71
C PHE A 60 35.43 -27.90 -23.58
N THR A 61 35.84 -29.05 -24.06
CA THR A 61 34.96 -30.20 -24.23
C THR A 61 34.66 -30.79 -22.87
N GLU A 62 35.51 -30.51 -21.90
CA GLU A 62 35.40 -31.18 -20.62
C GLU A 62 34.62 -30.37 -19.60
N LEU A 63 34.19 -29.18 -19.98
CA LEU A 63 33.44 -28.32 -19.08
C LEU A 63 32.18 -29.00 -18.54
N GLU A 64 32.08 -29.11 -17.22
CA GLU A 64 30.84 -29.52 -16.60
C GLU A 64 30.15 -28.36 -15.90
N LEU A 65 30.89 -27.27 -15.72
CA LEU A 65 30.35 -26.10 -15.04
C LEU A 65 30.85 -24.81 -15.66
N LEU A 66 29.91 -23.94 -16.01
CA LEU A 66 30.23 -22.61 -16.47
C LEU A 66 29.40 -21.61 -15.67
N ASP A 67 30.07 -20.80 -14.85
CA ASP A 67 29.37 -19.73 -14.16
C ASP A 67 30.03 -18.41 -14.52
N LEU A 68 29.31 -17.66 -15.35
CA LEU A 68 29.66 -16.29 -15.72
C LEU A 68 28.82 -15.23 -15.00
N SER A 69 27.99 -15.65 -14.06
CA SER A 69 26.97 -14.79 -13.45
C SER A 69 27.51 -13.57 -12.70
N ASP A 70 26.63 -12.58 -12.52
CA ASP A 70 26.94 -11.34 -11.81
C ASP A 70 28.04 -10.50 -12.47
N ASN A 71 27.95 -10.38 -13.79
CA ASN A 71 28.84 -9.49 -14.54
C ASN A 71 28.05 -8.51 -15.39
N SER A 72 28.75 -7.78 -16.24
CA SER A 72 28.15 -6.91 -17.25
C SER A 72 28.07 -7.43 -18.69
N LEU A 73 28.33 -8.72 -18.89
CA LEU A 73 28.40 -9.31 -20.22
C LEU A 73 27.22 -8.96 -21.14
N SER A 74 27.54 -8.65 -22.40
CA SER A 74 26.55 -8.28 -23.39
C SER A 74 26.60 -9.26 -24.55
N GLY A 75 25.83 -8.96 -25.59
CA GLY A 75 25.78 -9.80 -26.77
C GLY A 75 24.88 -10.99 -26.59
N ASP A 76 24.97 -11.93 -27.53
CA ASP A 76 24.15 -13.14 -27.46
C ASP A 76 24.77 -14.20 -26.56
N ILE A 77 24.02 -15.27 -26.37
CA ILE A 77 24.56 -16.48 -25.81
C ILE A 77 24.99 -17.28 -27.02
N PRO A 78 26.31 -17.35 -27.26
CA PRO A 78 26.81 -18.06 -28.44
C PRO A 78 26.26 -19.47 -28.52
N VAL A 79 25.95 -19.89 -29.74
CA VAL A 79 25.44 -21.22 -30.03
C VAL A 79 26.47 -22.27 -29.65
N GLU A 80 27.74 -21.86 -29.73
CA GLU A 80 28.89 -22.72 -29.47
C GLU A 80 28.97 -23.12 -28.01
N ILE A 81 28.41 -22.30 -27.13
CA ILE A 81 28.31 -22.65 -25.72
C ILE A 81 27.60 -24.00 -25.59
N PHE A 82 26.75 -24.30 -26.56
CA PHE A 82 25.95 -25.52 -26.52
C PHE A 82 26.63 -26.72 -27.17
N ARG A 83 27.89 -26.55 -27.56
CA ARG A 83 28.74 -27.66 -28.00
C ARG A 83 29.25 -28.46 -26.82
N LEU A 84 29.06 -27.94 -25.60
CA LEU A 84 29.71 -28.53 -24.45
C LEU A 84 28.79 -29.60 -23.88
N LYS A 85 29.11 -30.85 -24.18
CA LYS A 85 28.13 -31.92 -23.97
C LYS A 85 28.09 -32.40 -22.53
N LYS A 86 29.18 -32.14 -21.81
CA LYS A 86 29.32 -32.64 -20.44
C LYS A 86 28.87 -31.62 -19.40
N LEU A 87 28.29 -30.53 -19.88
CA LEU A 87 27.89 -29.44 -19.00
C LEU A 87 26.65 -29.81 -18.20
N LYS A 88 26.78 -29.82 -16.87
CA LYS A 88 25.62 -29.98 -15.98
C LYS A 88 25.12 -28.68 -15.35
N THR A 89 25.93 -27.64 -15.37
CA THR A 89 25.51 -26.35 -14.83
C THR A 89 25.85 -25.25 -15.80
N LEU A 90 24.83 -24.50 -16.20
CA LEU A 90 25.06 -23.27 -16.95
C LEU A 90 24.47 -22.10 -16.17
N SER A 91 25.35 -21.24 -15.63
CA SER A 91 24.90 -20.09 -14.87
C SER A 91 25.31 -18.78 -15.55
N LEU A 92 24.37 -18.18 -16.27
CA LEU A 92 24.57 -16.91 -16.98
C LEU A 92 23.87 -15.69 -16.39
N ASN A 93 23.19 -15.89 -15.28
CA ASN A 93 22.29 -14.89 -14.72
C ASN A 93 22.97 -13.57 -14.32
N THR A 94 22.15 -12.53 -14.21
CA THR A 94 22.62 -11.22 -13.76
C THR A 94 23.71 -10.66 -14.69
N ASN A 95 23.38 -10.60 -15.97
CA ASN A 95 24.21 -9.98 -16.98
C ASN A 95 23.34 -9.09 -17.88
N ASN A 96 23.95 -8.57 -18.93
CA ASN A 96 23.23 -7.79 -19.94
C ASN A 96 22.82 -8.57 -21.19
N LEU A 97 22.97 -9.88 -21.12
CA LEU A 97 22.77 -10.75 -22.27
C LEU A 97 21.45 -10.56 -23.03
N GLU A 98 21.54 -10.44 -24.35
CA GLU A 98 20.38 -10.22 -25.22
C GLU A 98 20.17 -11.38 -26.20
N GLY A 99 19.13 -11.28 -27.03
CA GLY A 99 18.87 -12.30 -28.04
C GLY A 99 17.95 -13.43 -27.59
N HIS A 100 17.74 -14.40 -28.46
CA HIS A 100 16.94 -15.57 -28.13
C HIS A 100 17.75 -16.60 -27.37
N ILE A 101 17.07 -17.42 -26.58
CA ILE A 101 17.70 -18.63 -26.12
C ILE A 101 17.69 -19.57 -27.31
N PRO A 102 18.89 -19.90 -27.82
CA PRO A 102 19.07 -20.68 -29.06
C PRO A 102 18.43 -22.06 -28.95
N MET A 103 17.93 -22.61 -30.05
CA MET A 103 17.32 -23.94 -30.05
C MET A 103 18.31 -25.02 -29.61
N GLU A 104 19.58 -24.78 -29.90
CA GLU A 104 20.64 -25.75 -29.65
C GLU A 104 20.83 -26.03 -28.16
N ILE A 105 20.09 -25.30 -27.32
CA ILE A 105 20.07 -25.56 -25.90
C ILE A 105 19.67 -27.01 -25.65
N GLY A 106 18.81 -27.55 -26.52
CA GLY A 106 18.36 -28.91 -26.36
C GLY A 106 19.49 -29.92 -26.51
N ASN A 107 20.63 -29.44 -27.01
CA ASN A 107 21.79 -30.30 -27.21
C ASN A 107 22.59 -30.60 -25.96
N LEU A 108 22.29 -29.93 -24.84
CA LEU A 108 23.06 -30.21 -23.64
C LEU A 108 22.36 -31.30 -22.85
N SER A 109 22.87 -32.51 -22.99
CA SER A 109 22.14 -33.70 -22.58
C SER A 109 22.02 -33.82 -21.07
N GLY A 110 23.10 -33.54 -20.36
CA GLY A 110 23.10 -33.73 -18.92
C GLY A 110 22.97 -32.45 -18.11
N LEU A 111 22.51 -31.39 -18.75
CA LEU A 111 22.27 -30.14 -18.03
C LEU A 111 21.31 -30.36 -16.87
N VAL A 112 21.68 -29.85 -15.70
CA VAL A 112 20.92 -30.00 -14.48
C VAL A 112 20.42 -28.64 -14.03
N GLU A 113 21.36 -27.71 -13.90
CA GLU A 113 21.05 -26.33 -13.55
C GLU A 113 21.17 -25.39 -14.76
N LEU A 114 20.15 -24.58 -14.99
CA LEU A 114 20.20 -23.51 -15.99
C LEU A 114 19.67 -22.20 -15.42
N MET A 115 20.56 -21.23 -15.22
CA MET A 115 20.18 -19.93 -14.68
C MET A 115 20.41 -18.83 -15.71
N LEU A 116 19.33 -18.37 -16.32
CA LEU A 116 19.36 -17.25 -17.26
C LEU A 116 18.80 -15.95 -16.71
N PHE A 117 18.39 -15.96 -15.44
CA PHE A 117 17.55 -14.88 -14.94
C PHE A 117 18.26 -13.54 -14.82
N ASP A 118 17.48 -12.47 -14.84
CA ASP A 118 17.97 -11.09 -14.79
C ASP A 118 18.93 -10.71 -15.90
N ASN A 119 18.48 -10.89 -17.13
CA ASN A 119 19.21 -10.47 -18.30
C ASN A 119 18.35 -9.57 -19.19
N LYS A 120 18.83 -9.30 -20.39
CA LYS A 120 18.07 -8.61 -21.44
C LYS A 120 17.43 -9.55 -22.47
N LEU A 121 17.33 -10.85 -22.17
CA LEU A 121 16.85 -11.85 -23.15
C LEU A 121 15.46 -11.58 -23.76
N SER A 122 15.26 -12.08 -24.99
CA SER A 122 14.00 -11.92 -25.73
C SER A 122 13.59 -13.20 -26.48
N GLY A 123 12.56 -13.10 -27.31
CA GLY A 123 12.07 -14.23 -28.08
C GLY A 123 11.32 -15.23 -27.24
N GLU A 124 11.23 -16.48 -27.70
CA GLU A 124 10.45 -17.51 -27.02
C GLU A 124 11.34 -18.57 -26.37
N ILE A 125 10.81 -19.21 -25.33
CA ILE A 125 11.43 -20.41 -24.81
C ILE A 125 11.33 -21.46 -25.90
N PRO A 126 12.49 -21.97 -26.35
CA PRO A 126 12.50 -22.94 -27.46
C PRO A 126 11.82 -24.26 -27.11
N ARG A 127 11.27 -24.93 -28.11
CA ARG A 127 10.59 -26.23 -27.92
C ARG A 127 11.60 -27.29 -27.50
N SER A 128 12.87 -26.94 -27.64
CA SER A 128 13.97 -27.85 -27.37
C SER A 128 14.21 -28.16 -25.89
N ILE A 129 13.66 -27.36 -24.97
CA ILE A 129 13.90 -27.63 -23.54
C ILE A 129 13.40 -29.00 -23.20
N GLY A 130 12.40 -29.47 -23.94
CA GLY A 130 11.83 -30.78 -23.74
C GLY A 130 12.86 -31.89 -23.83
N GLU A 131 13.94 -31.63 -24.56
CA GLU A 131 14.99 -32.61 -24.74
C GLU A 131 15.88 -32.73 -23.50
N LEU A 132 15.80 -31.77 -22.59
CA LEU A 132 16.71 -31.81 -21.46
C LEU A 132 16.05 -32.61 -20.34
N LYS A 133 16.49 -33.84 -20.18
CA LYS A 133 15.81 -34.78 -19.31
C LYS A 133 16.40 -34.85 -17.91
N ASN A 134 17.55 -34.25 -17.72
CA ASN A 134 18.16 -34.15 -16.40
C ASN A 134 17.92 -32.80 -15.75
N LEU A 135 17.27 -31.91 -16.48
CA LEU A 135 17.06 -30.56 -16.00
C LEU A 135 16.21 -30.55 -14.73
N GLN A 136 16.71 -29.85 -13.73
CA GLN A 136 16.11 -29.77 -12.41
C GLN A 136 15.57 -28.36 -12.13
N VAL A 137 16.46 -27.39 -12.31
CA VAL A 137 16.16 -25.98 -12.11
C VAL A 137 16.33 -25.21 -13.41
N LEU A 138 15.24 -24.57 -13.86
CA LEU A 138 15.33 -23.60 -14.94
C LEU A 138 14.78 -22.30 -14.38
N ARG A 139 15.66 -21.31 -14.22
CA ARG A 139 15.19 -19.97 -13.85
C ARG A 139 15.60 -18.93 -14.89
N ALA A 140 14.61 -18.49 -15.67
CA ALA A 140 14.76 -17.44 -16.69
C ALA A 140 14.08 -16.10 -16.38
N GLY A 141 13.51 -15.98 -15.19
CA GLY A 141 12.73 -14.81 -14.85
C GLY A 141 13.50 -13.49 -14.92
N GLY A 142 12.77 -12.39 -14.78
CA GLY A 142 13.40 -11.09 -14.84
C GLY A 142 14.00 -10.80 -16.21
N ASN A 143 13.47 -11.44 -17.24
CA ASN A 143 13.75 -11.01 -18.61
C ASN A 143 12.47 -10.42 -19.19
N LYS A 144 12.41 -9.09 -19.26
CA LYS A 144 11.19 -8.35 -19.53
C LYS A 144 10.55 -8.75 -20.86
N ASN A 145 11.40 -9.02 -21.85
CA ASN A 145 10.95 -9.38 -23.19
C ASN A 145 10.94 -10.85 -23.58
N LEU A 146 11.25 -11.73 -22.64
CA LEU A 146 11.03 -13.15 -22.86
C LEU A 146 9.53 -13.31 -23.03
N ARG A 147 9.11 -13.88 -24.15
CA ARG A 147 7.70 -13.86 -24.56
C ARG A 147 7.23 -15.17 -25.14
N GLY A 148 5.96 -15.21 -25.50
CA GLY A 148 5.37 -16.41 -26.04
C GLY A 148 4.81 -17.30 -24.95
N GLU A 149 4.25 -18.43 -25.37
CA GLU A 149 3.71 -19.39 -24.42
C GLU A 149 4.83 -20.30 -23.90
N LEU A 150 4.68 -20.76 -22.67
CA LEU A 150 5.49 -21.86 -22.18
C LEU A 150 5.24 -23.03 -23.09
N PRO A 151 6.28 -23.53 -23.74
CA PRO A 151 6.07 -24.62 -24.70
C PRO A 151 5.53 -25.90 -24.06
N TRP A 152 4.74 -26.62 -24.84
CA TRP A 152 4.23 -27.94 -24.49
C TRP A 152 5.37 -28.88 -24.04
N GLU A 153 6.50 -28.79 -24.72
CA GLU A 153 7.64 -29.68 -24.44
C GLU A 153 8.19 -29.57 -23.03
N ILE A 154 7.82 -28.52 -22.29
CA ILE A 154 8.28 -28.39 -20.92
C ILE A 154 7.82 -29.59 -20.12
N GLY A 155 6.77 -30.26 -20.58
CA GLY A 155 6.25 -31.42 -19.87
C GLY A 155 7.21 -32.60 -19.93
N ASN A 156 8.22 -32.51 -20.79
CA ASN A 156 9.19 -33.58 -20.92
C ASN A 156 10.37 -33.48 -19.98
N CYS A 157 10.52 -32.38 -19.25
CA CYS A 157 11.64 -32.36 -18.34
C CYS A 157 11.14 -32.93 -17.04
N GLU A 158 11.39 -34.22 -16.85
CA GLU A 158 10.69 -34.99 -15.83
C GLU A 158 11.31 -34.81 -14.45
N ASN A 159 12.57 -34.40 -14.43
CA ASN A 159 13.29 -34.11 -13.21
C ASN A 159 13.09 -32.68 -12.69
N LEU A 160 12.24 -31.91 -13.36
CA LEU A 160 12.07 -30.52 -12.96
C LEU A 160 11.57 -30.35 -11.53
N VAL A 161 12.25 -29.47 -10.81
CA VAL A 161 12.02 -29.25 -9.41
C VAL A 161 11.56 -27.80 -9.21
N MET A 162 12.34 -26.88 -9.76
CA MET A 162 12.13 -25.46 -9.64
C MET A 162 12.01 -24.83 -11.04
N LEU A 163 10.89 -24.15 -11.31
CA LEU A 163 10.68 -23.47 -12.58
C LEU A 163 10.27 -22.02 -12.35
N GLY A 164 11.07 -21.06 -12.79
CA GLY A 164 10.54 -19.74 -12.74
C GLY A 164 10.94 -18.86 -13.88
N LEU A 165 9.84 -18.27 -14.36
CA LEU A 165 9.70 -17.35 -15.46
C LEU A 165 9.22 -15.99 -15.03
N ALA A 166 9.28 -15.67 -13.74
CA ALA A 166 8.65 -14.46 -13.23
C ALA A 166 9.14 -13.14 -13.84
N GLU A 167 8.27 -12.13 -13.84
CA GLU A 167 8.58 -10.82 -14.39
C GLU A 167 9.11 -10.94 -15.82
N THR A 168 8.40 -11.73 -16.61
CA THR A 168 8.67 -11.85 -18.04
C THR A 168 7.41 -11.52 -18.82
N SER A 169 7.49 -11.61 -20.13
CA SER A 169 6.33 -11.40 -21.00
C SER A 169 5.61 -12.68 -21.39
N LEU A 170 5.96 -13.78 -20.73
CA LEU A 170 5.31 -15.06 -20.95
C LEU A 170 3.79 -14.97 -20.93
N SER A 171 3.16 -15.59 -21.92
CA SER A 171 1.75 -15.34 -22.19
C SER A 171 0.98 -16.61 -22.51
N GLY A 172 -0.31 -16.47 -22.78
CA GLY A 172 -1.16 -17.60 -23.09
C GLY A 172 -1.49 -18.43 -21.86
N LYS A 173 -2.05 -19.62 -22.09
CA LYS A 173 -2.32 -20.55 -21.01
C LYS A 173 -1.11 -21.42 -20.67
N LEU A 174 -0.98 -21.80 -19.41
CA LEU A 174 -0.05 -22.85 -19.03
C LEU A 174 -0.51 -24.13 -19.69
N PRO A 175 0.41 -24.83 -20.36
CA PRO A 175 0.09 -26.08 -21.05
C PRO A 175 -0.30 -27.20 -20.09
N ALA A 176 -1.23 -28.04 -20.52
CA ALA A 176 -1.65 -29.23 -19.78
C ALA A 176 -0.45 -30.12 -19.50
N SER A 177 0.56 -30.00 -20.36
CA SER A 177 1.85 -30.67 -20.22
C SER A 177 2.42 -30.54 -18.82
N ILE A 178 2.12 -29.42 -18.18
CA ILE A 178 2.65 -29.09 -16.88
C ILE A 178 2.34 -30.22 -15.88
N GLY A 179 1.22 -30.89 -16.09
CA GLY A 179 0.80 -31.99 -15.23
C GLY A 179 1.73 -33.19 -15.24
N ASN A 180 2.60 -33.25 -16.24
CA ASN A 180 3.61 -34.29 -16.30
C ASN A 180 4.79 -34.03 -15.37
N LEU A 181 4.88 -32.85 -14.75
CA LEU A 181 6.06 -32.60 -13.94
C LEU A 181 5.73 -33.13 -12.57
N LYS A 182 6.22 -34.33 -12.32
CA LYS A 182 5.79 -35.09 -11.15
C LYS A 182 6.69 -34.74 -9.97
N ARG A 183 7.85 -34.18 -10.28
CA ARG A 183 8.77 -33.73 -9.25
C ARG A 183 8.81 -32.22 -8.98
N VAL A 184 8.05 -31.39 -9.71
CA VAL A 184 8.22 -29.94 -9.56
C VAL A 184 7.72 -29.43 -8.19
N GLN A 185 8.59 -28.76 -7.46
CA GLN A 185 8.20 -28.16 -6.17
C GLN A 185 7.69 -26.73 -6.22
N THR A 186 8.31 -25.95 -7.08
CA THR A 186 8.00 -24.53 -7.21
C THR A 186 7.82 -24.13 -8.67
N ILE A 187 6.63 -23.64 -8.96
CA ILE A 187 6.36 -22.96 -10.21
C ILE A 187 6.17 -21.48 -9.92
N ALA A 188 7.12 -20.66 -10.36
CA ALA A 188 6.97 -19.22 -10.18
C ALA A 188 6.88 -18.50 -11.52
N ILE A 189 5.66 -18.15 -11.91
CA ILE A 189 5.54 -17.27 -13.06
C ILE A 189 4.57 -16.18 -12.65
N TYR A 190 5.10 -15.07 -12.20
CA TYR A 190 4.28 -14.04 -11.57
C TYR A 190 4.70 -12.69 -12.09
N THR A 191 3.73 -11.76 -12.12
CA THR A 191 3.96 -10.46 -12.72
C THR A 191 4.43 -10.67 -14.16
N SER A 192 3.65 -11.43 -14.90
CA SER A 192 3.86 -11.67 -16.32
C SER A 192 2.61 -11.36 -17.15
N LEU A 193 2.60 -11.85 -18.39
CA LEU A 193 1.47 -11.72 -19.30
C LEU A 193 0.51 -12.93 -19.42
N LEU A 194 0.63 -13.92 -18.52
CA LEU A 194 -0.25 -15.10 -18.55
C LEU A 194 -1.76 -14.83 -18.59
N SER A 195 -2.47 -15.54 -19.46
CA SER A 195 -3.94 -15.42 -19.56
C SER A 195 -4.56 -16.80 -19.76
N GLY A 196 -5.88 -16.88 -19.82
CA GLY A 196 -6.54 -18.16 -19.87
C GLY A 196 -6.56 -18.85 -18.51
N PRO A 197 -7.21 -20.02 -18.44
CA PRO A 197 -7.34 -20.79 -17.20
C PRO A 197 -6.09 -21.57 -16.76
N ILE A 198 -5.89 -21.66 -15.44
CA ILE A 198 -4.95 -22.60 -14.86
C ILE A 198 -5.42 -23.98 -15.27
N PRO A 199 -4.54 -24.79 -15.89
CA PRO A 199 -5.03 -26.06 -16.41
C PRO A 199 -5.31 -27.04 -15.28
N ASP A 200 -6.40 -27.78 -15.39
CA ASP A 200 -6.73 -28.78 -14.38
C ASP A 200 -5.61 -29.80 -14.14
N GLU A 201 -4.85 -30.09 -15.19
CA GLU A 201 -3.75 -31.06 -15.09
C GLU A 201 -2.69 -30.70 -14.06
N ILE A 202 -2.72 -29.46 -13.56
CA ILE A 202 -1.75 -29.06 -12.56
C ILE A 202 -1.96 -29.87 -11.30
N GLY A 203 -3.15 -30.47 -11.15
CA GLY A 203 -3.42 -31.33 -10.03
C GLY A 203 -2.57 -32.60 -10.03
N TYR A 204 -1.95 -32.91 -11.17
CA TYR A 204 -1.10 -34.08 -11.29
C TYR A 204 0.30 -33.83 -10.79
N CYS A 205 0.61 -32.61 -10.34
CA CYS A 205 1.98 -32.33 -9.93
C CYS A 205 2.05 -32.62 -8.46
N THR A 206 2.51 -33.81 -8.11
CA THR A 206 2.19 -34.33 -6.78
C THR A 206 3.11 -33.76 -5.74
N GLU A 207 4.28 -33.30 -6.18
CA GLU A 207 5.26 -32.70 -5.30
C GLU A 207 5.16 -31.16 -5.18
N LEU A 208 4.18 -30.55 -5.86
CA LEU A 208 4.07 -29.10 -5.84
C LEU A 208 3.90 -28.53 -4.43
N GLN A 209 4.68 -27.50 -4.15
CA GLN A 209 4.70 -26.86 -2.85
C GLN A 209 4.24 -25.43 -2.98
N ASN A 210 4.89 -24.71 -3.89
CA ASN A 210 4.62 -23.29 -4.07
C ASN A 210 4.19 -22.97 -5.48
N LEU A 211 2.97 -22.44 -5.59
CA LEU A 211 2.44 -22.04 -6.88
C LEU A 211 2.26 -20.54 -6.88
N TYR A 212 3.10 -19.82 -7.61
CA TYR A 212 2.96 -18.38 -7.67
C TYR A 212 2.62 -17.98 -9.08
N LEU A 213 1.33 -17.72 -9.29
CA LEU A 213 0.76 -17.22 -10.53
C LEU A 213 0.25 -15.76 -10.48
N TYR A 214 0.58 -15.04 -9.42
CA TYR A 214 -0.01 -13.71 -9.21
C TYR A 214 0.38 -12.62 -10.26
N GLN A 215 -0.45 -11.59 -10.34
CA GLN A 215 -0.25 -10.46 -11.29
C GLN A 215 -0.12 -10.87 -12.76
N ASN A 216 -1.11 -11.62 -13.21
CA ASN A 216 -1.27 -11.96 -14.61
C ASN A 216 -2.73 -11.66 -14.94
N SER A 217 -3.17 -12.12 -16.10
CA SER A 217 -4.58 -12.11 -16.51
C SER A 217 -5.36 -13.41 -16.38
N ILE A 218 -4.83 -14.36 -15.60
CA ILE A 218 -5.44 -15.69 -15.48
C ILE A 218 -6.95 -15.66 -15.19
N SER A 219 -7.68 -16.43 -15.97
CA SER A 219 -9.15 -16.38 -15.97
C SER A 219 -9.71 -17.76 -15.72
N GLY A 220 -11.03 -17.90 -15.81
CA GLY A 220 -11.67 -19.14 -15.42
C GLY A 220 -11.67 -19.26 -13.90
N SER A 221 -11.89 -20.47 -13.39
CA SER A 221 -11.91 -20.68 -11.96
C SER A 221 -10.65 -21.39 -11.46
N ILE A 222 -10.55 -21.52 -10.14
CA ILE A 222 -9.43 -22.23 -9.51
C ILE A 222 -9.74 -23.71 -9.59
N PRO A 223 -8.88 -24.49 -10.26
CA PRO A 223 -9.22 -25.90 -10.44
C PRO A 223 -9.40 -26.66 -9.13
N THR A 224 -10.46 -27.44 -9.09
CA THR A 224 -10.75 -28.31 -7.96
C THR A 224 -9.59 -29.27 -7.63
N THR A 225 -8.91 -29.72 -8.68
CA THR A 225 -7.83 -30.68 -8.58
C THR A 225 -6.65 -30.22 -7.72
N ILE A 226 -6.62 -28.92 -7.41
CA ILE A 226 -5.55 -28.37 -6.62
C ILE A 226 -5.66 -28.91 -5.19
N GLY A 227 -6.86 -29.36 -4.83
CA GLY A 227 -7.06 -29.95 -3.52
C GLY A 227 -6.46 -31.33 -3.38
N GLY A 228 -5.92 -31.87 -4.47
CA GLY A 228 -5.27 -33.17 -4.39
C GLY A 228 -3.77 -33.04 -4.27
N LEU A 229 -3.26 -31.82 -4.12
CA LEU A 229 -1.83 -31.65 -3.93
C LEU A 229 -1.52 -31.61 -2.43
N LYS A 230 -0.95 -32.71 -1.93
CA LYS A 230 -0.81 -32.94 -0.48
C LYS A 230 0.39 -32.24 0.14
N LYS A 231 1.37 -31.91 -0.70
CA LYS A 231 2.59 -31.24 -0.25
C LYS A 231 2.51 -29.71 -0.37
N LEU A 232 1.34 -29.20 -0.76
CA LEU A 232 1.17 -27.77 -1.10
C LEU A 232 1.27 -26.82 0.09
N GLN A 233 2.14 -25.83 -0.04
CA GLN A 233 2.44 -24.94 1.07
C GLN A 233 1.92 -23.53 0.82
N SER A 234 2.34 -22.93 -0.28
CA SER A 234 1.92 -21.59 -0.61
C SER A 234 1.22 -21.55 -1.94
N LEU A 235 0.10 -20.84 -1.97
CA LEU A 235 -0.65 -20.62 -3.19
C LEU A 235 -0.86 -19.09 -3.35
N LEU A 236 -0.12 -18.47 -4.24
CA LEU A 236 -0.30 -17.07 -4.55
C LEU A 236 -0.86 -16.89 -5.93
N LEU A 237 -2.11 -16.51 -5.99
CA LEU A 237 -2.81 -16.31 -7.22
C LEU A 237 -3.43 -14.95 -7.29
N TRP A 238 -2.98 -13.99 -6.52
CA TRP A 238 -3.59 -12.68 -6.44
C TRP A 238 -3.46 -11.77 -7.69
N GLN A 239 -4.43 -10.88 -7.89
CA GLN A 239 -4.48 -9.98 -9.02
C GLN A 239 -4.48 -10.60 -10.44
N ASN A 240 -5.50 -11.36 -10.68
CA ASN A 240 -5.79 -12.04 -11.89
C ASN A 240 -7.28 -11.81 -12.14
N ASN A 241 -7.83 -12.52 -13.09
CA ASN A 241 -9.24 -12.47 -13.47
C ASN A 241 -10.10 -13.61 -12.99
N LEU A 242 -9.58 -14.35 -12.01
CA LEU A 242 -10.21 -15.58 -11.53
C LEU A 242 -11.67 -15.45 -11.08
N VAL A 243 -12.42 -16.47 -11.40
CA VAL A 243 -13.87 -16.45 -11.36
C VAL A 243 -14.38 -17.70 -10.64
N GLY A 244 -15.63 -17.69 -10.19
CA GLY A 244 -16.21 -18.88 -9.63
C GLY A 244 -15.97 -19.03 -8.12
N LYS A 245 -16.26 -20.21 -7.60
CA LYS A 245 -16.19 -20.45 -6.16
C LYS A 245 -14.82 -21.03 -5.73
N ILE A 246 -14.36 -20.65 -4.54
CA ILE A 246 -13.15 -21.21 -3.94
C ILE A 246 -13.35 -22.69 -3.69
N PRO A 247 -12.44 -23.52 -4.22
CA PRO A 247 -12.66 -24.96 -4.09
C PRO A 247 -12.55 -25.42 -2.64
N THR A 248 -13.57 -26.17 -2.25
CA THR A 248 -13.63 -26.80 -0.96
C THR A 248 -12.42 -27.70 -0.71
N GLU A 249 -11.98 -28.36 -1.77
CA GLU A 249 -10.93 -29.36 -1.66
C GLU A 249 -9.62 -28.80 -1.14
N LEU A 250 -9.47 -27.47 -1.20
CA LEU A 250 -8.30 -26.81 -0.64
C LEU A 250 -8.12 -27.17 0.83
N GLY A 251 -9.24 -27.41 1.51
CA GLY A 251 -9.21 -27.82 2.90
C GLY A 251 -8.54 -29.17 3.12
N ASN A 252 -8.15 -29.82 2.04
CA ASN A 252 -7.45 -31.10 2.11
C ASN A 252 -5.94 -31.01 1.97
N CYS A 253 -5.40 -29.80 1.88
CA CYS A 253 -3.94 -29.64 1.84
C CYS A 253 -3.37 -29.34 3.23
N PRO A 254 -2.81 -30.36 3.87
CA PRO A 254 -2.46 -30.23 5.29
C PRO A 254 -1.29 -29.30 5.54
N GLU A 255 -0.46 -29.06 4.54
CA GLU A 255 0.77 -28.30 4.75
C GLU A 255 0.63 -26.84 4.36
N LEU A 256 -0.57 -26.43 3.98
CA LEU A 256 -0.77 -25.13 3.35
C LEU A 256 -0.80 -24.04 4.41
N TRP A 257 0.19 -23.16 4.39
CA TRP A 257 0.24 -22.07 5.36
C TRP A 257 -0.15 -20.70 4.83
N LEU A 258 -0.15 -20.55 3.51
CA LEU A 258 -0.42 -19.25 2.88
C LEU A 258 -1.34 -19.38 1.67
N ILE A 259 -2.47 -18.67 1.72
CA ILE A 259 -3.42 -18.61 0.61
C ILE A 259 -3.72 -17.16 0.28
N ASP A 260 -3.36 -16.72 -0.93
CA ASP A 260 -3.68 -15.36 -1.34
C ASP A 260 -4.39 -15.37 -2.69
N PHE A 261 -5.70 -15.11 -2.61
CA PHE A 261 -6.60 -14.99 -3.76
C PHE A 261 -7.02 -13.53 -3.99
N SER A 262 -6.38 -12.61 -3.29
CA SER A 262 -6.79 -11.23 -3.30
C SER A 262 -6.93 -10.67 -4.72
N GLU A 263 -7.87 -9.73 -4.90
CA GLU A 263 -8.05 -9.05 -6.18
C GLU A 263 -8.38 -9.97 -7.35
N ASN A 264 -9.44 -10.74 -7.20
CA ASN A 264 -10.00 -11.52 -8.29
C ASN A 264 -11.49 -11.23 -8.43
N LEU A 265 -12.18 -12.07 -9.19
CA LEU A 265 -13.63 -12.07 -9.29
C LEU A 265 -14.35 -13.19 -8.51
N LEU A 266 -13.65 -13.82 -7.58
CA LEU A 266 -14.23 -14.95 -6.86
C LEU A 266 -15.60 -14.66 -6.22
N THR A 267 -16.51 -15.63 -6.33
CA THR A 267 -17.79 -15.58 -5.67
C THR A 267 -17.99 -16.87 -4.89
N GLY A 268 -19.18 -17.03 -4.34
CA GLY A 268 -19.43 -18.12 -3.43
C GLY A 268 -19.06 -17.74 -2.00
N THR A 269 -18.66 -18.74 -1.25
CA THR A 269 -18.59 -18.68 0.19
C THR A 269 -17.19 -19.07 0.64
N ILE A 270 -16.74 -18.56 1.78
CA ILE A 270 -15.52 -19.07 2.39
C ILE A 270 -15.79 -20.49 2.89
N PRO A 271 -15.09 -21.47 2.32
CA PRO A 271 -15.36 -22.89 2.62
C PRO A 271 -15.16 -23.27 4.10
N ARG A 272 -16.14 -23.97 4.66
CA ARG A 272 -16.05 -24.52 6.02
C ARG A 272 -14.81 -25.40 6.19
N SER A 273 -14.48 -26.15 5.14
CA SER A 273 -13.37 -27.09 5.15
C SER A 273 -12.04 -26.43 5.48
N PHE A 274 -11.93 -25.12 5.34
CA PHE A 274 -10.70 -24.42 5.71
C PHE A 274 -10.35 -24.68 7.17
N GLY A 275 -11.34 -25.06 7.97
CA GLY A 275 -11.10 -25.40 9.37
C GLY A 275 -10.15 -26.57 9.56
N LYS A 276 -10.02 -27.42 8.55
CA LYS A 276 -9.10 -28.53 8.63
C LYS A 276 -7.64 -28.11 8.36
N LEU A 277 -7.38 -26.86 7.96
CA LEU A 277 -6.00 -26.53 7.65
C LEU A 277 -5.35 -26.06 8.93
N GLU A 278 -4.54 -26.95 9.50
CA GLU A 278 -4.01 -26.75 10.83
C GLU A 278 -2.75 -25.91 10.74
N ASN A 279 -2.21 -25.79 9.53
CA ASN A 279 -1.03 -24.97 9.31
C ASN A 279 -1.24 -23.59 8.72
N LEU A 280 -2.48 -23.17 8.52
CA LEU A 280 -2.71 -21.94 7.79
C LEU A 280 -2.33 -20.75 8.66
N GLN A 281 -1.32 -20.02 8.22
CA GLN A 281 -0.91 -18.79 8.89
C GLN A 281 -1.62 -17.56 8.36
N GLU A 282 -1.78 -17.54 7.04
CA GLU A 282 -2.17 -16.32 6.34
C GLU A 282 -3.23 -16.62 5.27
N LEU A 283 -4.39 -15.99 5.46
CA LEU A 283 -5.49 -16.08 4.50
C LEU A 283 -5.89 -14.68 3.97
N GLN A 284 -5.59 -14.42 2.70
CA GLN A 284 -5.97 -13.16 2.07
C GLN A 284 -6.95 -13.41 0.95
N LEU A 285 -8.20 -13.03 1.20
CA LEU A 285 -9.29 -12.99 0.23
C LEU A 285 -9.66 -11.58 -0.28
N SER A 286 -8.89 -10.57 0.09
CA SER A 286 -9.25 -9.18 -0.19
C SER A 286 -9.65 -8.85 -1.64
N VAL A 287 -10.68 -8.01 -1.79
CA VAL A 287 -11.13 -7.53 -3.10
C VAL A 287 -11.63 -8.65 -4.02
N ASN A 288 -12.78 -9.20 -3.65
CA ASN A 288 -13.46 -10.19 -4.44
C ASN A 288 -14.94 -9.98 -4.26
N GLN A 289 -15.71 -10.94 -4.75
CA GLN A 289 -17.17 -10.97 -4.57
C GLN A 289 -17.70 -12.00 -3.57
N ILE A 290 -16.81 -12.49 -2.70
CA ILE A 290 -17.18 -13.49 -1.70
C ILE A 290 -18.36 -13.08 -0.79
N SER A 291 -19.36 -13.95 -0.73
CA SER A 291 -20.55 -13.75 0.08
C SER A 291 -20.60 -14.78 1.20
N GLY A 292 -21.74 -14.84 1.90
CA GLY A 292 -21.88 -15.72 3.03
C GLY A 292 -21.44 -15.06 4.33
N THR A 293 -21.32 -15.86 5.38
CA THR A 293 -20.82 -15.42 6.68
C THR A 293 -19.46 -16.06 6.93
N ILE A 294 -18.66 -15.44 7.78
CA ILE A 294 -17.38 -16.05 8.13
C ILE A 294 -17.72 -17.34 8.84
N PRO A 295 -17.32 -18.47 8.25
CA PRO A 295 -17.70 -19.74 8.85
C PRO A 295 -16.96 -19.95 10.18
N GLU A 296 -17.60 -20.59 11.15
CA GLU A 296 -16.99 -20.77 12.46
C GLU A 296 -15.81 -21.74 12.47
N GLU A 297 -15.79 -22.68 11.54
CA GLU A 297 -14.71 -23.64 11.49
C GLU A 297 -13.38 -22.95 11.22
N LEU A 298 -13.43 -21.73 10.68
CA LEU A 298 -12.22 -20.95 10.43
C LEU A 298 -11.53 -20.61 11.74
N THR A 299 -12.30 -20.53 12.82
CA THR A 299 -11.70 -20.30 14.13
C THR A 299 -10.95 -21.52 14.66
N ASN A 300 -11.06 -22.66 13.99
CA ASN A 300 -10.21 -23.81 14.27
C ASN A 300 -8.78 -23.66 13.75
N CYS A 301 -8.50 -22.64 12.93
CA CYS A 301 -7.16 -22.57 12.33
C CYS A 301 -6.28 -21.81 13.27
N THR A 302 -5.49 -22.57 14.00
CA THR A 302 -4.96 -22.17 15.29
C THR A 302 -3.78 -21.26 15.11
N LYS A 303 -3.11 -21.44 13.97
CA LYS A 303 -1.87 -20.74 13.70
C LYS A 303 -2.06 -19.48 12.85
N LEU A 304 -3.31 -19.13 12.54
CA LEU A 304 -3.57 -17.98 11.69
C LEU A 304 -3.02 -16.71 12.33
N THR A 305 -2.06 -16.07 11.67
CA THR A 305 -1.61 -14.72 12.00
C THR A 305 -2.35 -13.58 11.26
N HIS A 306 -2.60 -13.80 9.97
CA HIS A 306 -3.16 -12.76 9.10
C HIS A 306 -4.47 -13.19 8.44
N LEU A 307 -5.54 -12.44 8.72
CA LEU A 307 -6.80 -12.71 8.04
C LEU A 307 -7.30 -11.43 7.39
N GLU A 308 -7.25 -11.38 6.05
CA GLU A 308 -7.71 -10.23 5.29
C GLU A 308 -8.78 -10.68 4.34
N ILE A 309 -10.01 -10.40 4.75
CA ILE A 309 -11.23 -10.64 4.01
C ILE A 309 -11.94 -9.39 3.55
N ASP A 310 -11.23 -8.27 3.57
CA ASP A 310 -11.83 -6.98 3.21
C ASP A 310 -12.30 -6.90 1.74
N ASN A 311 -13.20 -5.94 1.48
CA ASN A 311 -13.72 -5.68 0.14
C ASN A 311 -14.38 -6.89 -0.51
N ASN A 312 -15.44 -7.36 0.14
CA ASN A 312 -16.23 -8.49 -0.33
C ASN A 312 -17.72 -8.26 -0.01
N LEU A 313 -18.53 -9.28 -0.20
CA LEU A 313 -19.94 -9.24 0.16
C LEU A 313 -20.30 -9.95 1.48
N ILE A 314 -19.31 -10.30 2.30
CA ILE A 314 -19.55 -11.07 3.53
C ILE A 314 -20.62 -10.48 4.45
N THR A 315 -21.54 -11.32 4.92
CA THR A 315 -22.62 -10.85 5.79
C THR A 315 -22.56 -11.60 7.10
N GLY A 316 -23.46 -11.26 8.01
CA GLY A 316 -23.59 -11.97 9.26
C GLY A 316 -22.80 -11.29 10.36
N GLU A 317 -22.51 -12.05 11.42
CA GLU A 317 -21.78 -11.54 12.57
C GLU A 317 -20.36 -12.10 12.59
N ILE A 318 -19.45 -11.33 13.16
CA ILE A 318 -18.12 -11.81 13.46
C ILE A 318 -18.28 -12.83 14.58
N PRO A 319 -17.84 -14.08 14.37
CA PRO A 319 -18.05 -15.14 15.35
C PRO A 319 -17.30 -14.91 16.66
N SER A 320 -17.88 -15.32 17.77
CA SER A 320 -17.24 -15.17 19.06
C SER A 320 -15.99 -16.06 19.18
N LEU A 321 -16.06 -17.25 18.60
CA LEU A 321 -15.01 -18.27 18.70
C LEU A 321 -13.70 -17.81 18.08
N MET A 322 -13.73 -16.62 17.51
CA MET A 322 -12.55 -15.91 17.05
C MET A 322 -11.51 -15.78 18.16
N SER A 323 -11.97 -15.84 19.41
CA SER A 323 -11.06 -15.83 20.54
C SER A 323 -10.11 -17.03 20.52
N ASN A 324 -10.49 -18.06 19.78
CA ASN A 324 -9.64 -19.23 19.65
C ASN A 324 -8.43 -19.01 18.74
N LEU A 325 -8.33 -17.87 18.07
CA LEU A 325 -7.15 -17.66 17.23
C LEU A 325 -6.18 -16.82 18.01
N ARG A 326 -5.22 -17.48 18.65
CA ARG A 326 -4.45 -16.82 19.69
C ARG A 326 -3.22 -16.17 19.12
N SER A 327 -2.92 -16.52 17.87
CA SER A 327 -1.80 -15.91 17.17
C SER A 327 -2.17 -14.79 16.18
N LEU A 328 -3.46 -14.46 16.05
CA LEU A 328 -3.89 -13.45 15.07
C LEU A 328 -3.28 -12.08 15.34
N THR A 329 -2.50 -11.54 14.42
CA THR A 329 -1.99 -10.19 14.60
C THR A 329 -2.71 -9.14 13.76
N MET A 330 -3.40 -9.60 12.73
CA MET A 330 -3.96 -8.69 11.74
C MET A 330 -5.33 -9.19 11.29
N PHE A 331 -6.37 -8.39 11.52
CA PHE A 331 -7.71 -8.77 11.07
C PHE A 331 -8.36 -7.62 10.27
N PHE A 332 -8.45 -7.82 8.96
CA PHE A 332 -9.05 -6.86 8.04
C PHE A 332 -10.28 -7.49 7.38
N ALA A 333 -11.45 -7.09 7.88
CA ALA A 333 -12.76 -7.33 7.27
C ALA A 333 -13.49 -6.09 6.71
N TRP A 334 -12.81 -4.95 6.59
CA TRP A 334 -13.47 -3.72 6.13
C TRP A 334 -14.12 -3.81 4.77
N GLN A 335 -15.17 -2.98 4.58
CA GLN A 335 -15.92 -2.91 3.32
C GLN A 335 -16.55 -4.26 3.03
N ASN A 336 -17.49 -4.63 3.91
CA ASN A 336 -18.31 -5.81 3.74
C ASN A 336 -19.72 -5.46 4.17
N LYS A 337 -20.54 -6.48 4.31
CA LYS A 337 -21.89 -6.37 4.89
C LYS A 337 -22.08 -6.87 6.37
N LEU A 338 -20.99 -6.99 7.12
CA LEU A 338 -21.06 -7.43 8.53
C LEU A 338 -22.03 -6.66 9.44
N THR A 339 -22.84 -7.39 10.20
CA THR A 339 -23.75 -6.75 11.15
C THR A 339 -23.49 -7.27 12.55
N GLY A 340 -24.22 -6.73 13.52
CA GLY A 340 -24.15 -7.21 14.89
C GLY A 340 -23.05 -6.50 15.65
N ASN A 341 -22.89 -6.88 16.92
CA ASN A 341 -21.83 -6.36 17.77
C ASN A 341 -20.43 -6.86 17.38
N ILE A 342 -19.44 -6.02 17.64
CA ILE A 342 -18.06 -6.46 17.63
C ILE A 342 -17.89 -7.30 18.89
N PRO A 343 -17.56 -8.57 18.73
CA PRO A 343 -17.50 -9.48 19.89
C PRO A 343 -16.38 -9.11 20.88
N GLN A 344 -16.70 -9.03 22.17
CA GLN A 344 -15.67 -8.77 23.18
C GLN A 344 -14.57 -9.86 23.18
N SER A 345 -14.94 -11.08 22.82
CA SER A 345 -14.00 -12.19 22.79
C SER A 345 -12.81 -11.96 21.86
N LEU A 346 -12.95 -11.01 20.94
CA LEU A 346 -11.84 -10.64 20.06
C LEU A 346 -10.64 -10.13 20.84
N SER A 347 -10.89 -9.63 22.04
CA SER A 347 -9.81 -9.20 22.94
C SER A 347 -8.98 -10.36 23.51
N GLN A 348 -9.47 -11.59 23.36
CA GLN A 348 -8.66 -12.74 23.78
C GLN A 348 -7.55 -13.09 22.78
N CYS A 349 -7.51 -12.42 21.63
CA CYS A 349 -6.39 -12.61 20.73
C CYS A 349 -5.42 -11.52 21.15
N ARG A 350 -4.41 -11.90 21.93
CA ARG A 350 -3.65 -10.91 22.66
C ARG A 350 -2.60 -10.28 21.76
N GLU A 351 -2.33 -10.92 20.64
CA GLU A 351 -1.29 -10.45 19.71
C GLU A 351 -1.75 -9.43 18.68
N LEU A 352 -3.04 -9.04 18.68
CA LEU A 352 -3.58 -8.19 17.62
C LEU A 352 -2.88 -6.82 17.45
N GLN A 353 -2.27 -6.62 16.30
CA GLN A 353 -1.63 -5.35 15.98
C GLN A 353 -2.59 -4.37 15.32
N ALA A 354 -3.41 -4.89 14.42
CA ALA A 354 -4.29 -4.07 13.61
C ALA A 354 -5.65 -4.72 13.41
N ILE A 355 -6.68 -3.95 13.72
CA ILE A 355 -8.04 -4.34 13.43
C ILE A 355 -8.68 -3.29 12.51
N ASP A 356 -9.13 -3.70 11.32
CA ASP A 356 -9.92 -2.79 10.49
C ASP A 356 -11.23 -3.45 10.08
N LEU A 357 -12.28 -2.97 10.73
CA LEU A 357 -13.67 -3.37 10.50
C LEU A 357 -14.50 -2.29 9.80
N SER A 358 -13.81 -1.26 9.30
CA SER A 358 -14.48 -0.10 8.67
C SER A 358 -15.47 -0.49 7.57
N TYR A 359 -16.46 0.36 7.35
CA TYR A 359 -17.42 0.22 6.25
C TYR A 359 -18.18 -1.08 6.32
N ASN A 360 -18.93 -1.24 7.40
CA ASN A 360 -19.83 -2.36 7.58
C ASN A 360 -21.11 -1.85 8.20
N SER A 361 -21.96 -2.77 8.63
CA SER A 361 -23.17 -2.45 9.39
C SER A 361 -23.08 -2.69 10.90
N LEU A 362 -21.87 -2.85 11.41
CA LEU A 362 -21.68 -3.15 12.83
C LEU A 362 -22.41 -2.15 13.73
N SER A 363 -23.12 -2.68 14.73
CA SER A 363 -23.82 -1.81 15.65
C SER A 363 -23.43 -2.16 17.08
N GLY A 364 -24.07 -1.49 18.03
CA GLY A 364 -23.76 -1.68 19.44
C GLY A 364 -22.60 -0.80 19.89
N SER A 365 -22.23 -1.00 21.15
CA SER A 365 -21.07 -0.35 21.75
C SER A 365 -19.77 -0.96 21.28
N ILE A 366 -18.70 -0.19 21.34
CA ILE A 366 -17.37 -0.76 21.19
C ILE A 366 -17.01 -1.46 22.49
N PRO A 367 -16.80 -2.79 22.42
CA PRO A 367 -16.57 -3.56 23.64
C PRO A 367 -15.29 -3.07 24.32
N LYS A 368 -15.33 -2.78 25.62
CA LYS A 368 -14.19 -2.15 26.28
C LYS A 368 -12.94 -2.99 26.22
N GLU A 369 -13.13 -4.30 26.14
CA GLU A 369 -12.05 -5.24 26.28
C GLU A 369 -11.03 -5.11 25.16
N ILE A 370 -11.50 -4.66 24.01
CA ILE A 370 -10.61 -4.50 22.88
C ILE A 370 -9.49 -3.49 23.20
N PHE A 371 -9.77 -2.57 24.12
CA PHE A 371 -8.78 -1.54 24.46
C PHE A 371 -7.75 -2.07 25.47
N GLY A 372 -7.92 -3.30 25.92
CA GLY A 372 -6.98 -3.93 26.84
C GLY A 372 -5.80 -4.54 26.10
N LEU A 373 -5.90 -4.61 24.77
CA LEU A 373 -4.84 -5.16 23.95
C LEU A 373 -3.63 -4.24 23.99
N ARG A 374 -2.48 -4.78 24.38
CA ARG A 374 -1.31 -3.93 24.64
C ARG A 374 -0.44 -3.74 23.42
N ASN A 375 -0.65 -4.58 22.42
CA ASN A 375 0.03 -4.41 21.15
C ASN A 375 -0.74 -3.83 19.96
N LEU A 376 -1.98 -3.38 20.17
CA LEU A 376 -2.81 -2.90 19.06
C LEU A 376 -2.33 -1.51 18.68
N THR A 377 -1.78 -1.38 17.48
CA THR A 377 -1.39 -0.08 16.91
C THR A 377 -2.51 0.64 16.19
N LYS A 378 -3.34 -0.12 15.50
CA LYS A 378 -4.33 0.42 14.57
C LYS A 378 -5.72 -0.13 14.88
N LEU A 379 -6.63 0.77 15.20
CA LEU A 379 -8.03 0.43 15.35
C LEU A 379 -8.87 1.29 14.39
N LEU A 380 -9.40 0.67 13.34
CA LEU A 380 -10.19 1.36 12.34
C LEU A 380 -11.56 0.74 12.28
N LEU A 381 -12.49 1.47 12.89
CA LEU A 381 -13.91 1.14 12.98
C LEU A 381 -14.83 2.08 12.18
N LEU A 382 -14.24 2.94 11.35
CA LEU A 382 -15.01 4.00 10.69
C LEU A 382 -16.15 3.51 9.78
N SER A 383 -17.16 4.38 9.65
CA SER A 383 -18.36 4.07 8.86
C SER A 383 -19.07 2.78 9.25
N ASN A 384 -19.68 2.80 10.41
CA ASN A 384 -20.56 1.72 10.86
C ASN A 384 -21.78 2.35 11.52
N ASP A 385 -22.57 1.51 12.19
CA ASP A 385 -23.62 1.99 13.08
C ASP A 385 -23.30 1.99 14.58
N LEU A 386 -22.01 1.92 14.92
CA LEU A 386 -21.59 1.91 16.33
C LEU A 386 -22.10 3.09 17.16
N SER A 387 -22.45 2.82 18.41
CA SER A 387 -22.92 3.87 19.30
C SER A 387 -22.44 3.59 20.72
N GLY A 388 -23.01 4.32 21.68
CA GLY A 388 -22.54 4.23 23.04
C GLY A 388 -21.41 5.19 23.29
N PHE A 389 -20.81 5.08 24.47
CA PHE A 389 -19.65 5.88 24.84
C PHE A 389 -18.38 5.26 24.31
N ILE A 390 -17.36 6.10 24.13
CA ILE A 390 -15.99 5.60 24.06
C ILE A 390 -15.62 5.24 25.49
N PRO A 391 -15.25 3.97 25.72
CA PRO A 391 -14.93 3.49 27.07
C PRO A 391 -13.70 4.20 27.61
N PRO A 392 -13.70 4.50 28.93
CA PRO A 392 -12.52 4.98 29.67
C PRO A 392 -11.33 4.03 29.49
N ASP A 393 -11.62 2.76 29.29
CA ASP A 393 -10.59 1.77 29.08
C ASP A 393 -9.68 2.09 27.90
N ILE A 394 -10.07 3.07 27.10
CA ILE A 394 -9.26 3.48 25.97
C ILE A 394 -7.84 3.80 26.46
N GLY A 395 -7.74 4.34 27.68
CA GLY A 395 -6.45 4.61 28.30
C GLY A 395 -5.52 3.41 28.48
N ASN A 396 -6.10 2.23 28.71
CA ASN A 396 -5.34 0.99 28.82
C ASN A 396 -4.58 0.57 27.55
N CYS A 397 -4.85 1.20 26.41
CA CYS A 397 -4.38 0.64 25.14
C CYS A 397 -3.11 1.37 24.79
N THR A 398 -2.00 0.74 25.14
CA THR A 398 -0.78 1.49 25.41
C THR A 398 -0.07 1.90 24.14
N ASN A 399 -0.11 1.01 23.15
CA ASN A 399 0.59 1.22 21.90
C ASN A 399 -0.27 1.82 20.79
N LEU A 400 -1.50 2.21 21.11
CA LEU A 400 -2.40 2.75 20.09
C LEU A 400 -1.74 3.95 19.38
N TYR A 401 -1.65 3.82 18.07
CA TYR A 401 -0.97 4.75 17.21
C TYR A 401 -2.01 5.49 16.32
N ARG A 402 -2.76 4.70 15.56
CA ARG A 402 -3.80 5.20 14.65
C ARG A 402 -5.21 4.74 15.05
N LEU A 403 -6.06 5.70 15.38
CA LEU A 403 -7.44 5.45 15.82
C LEU A 403 -8.48 6.18 14.93
N ARG A 404 -9.33 5.41 14.25
CA ARG A 404 -10.39 6.06 13.48
C ARG A 404 -11.76 5.48 13.83
N LEU A 405 -12.55 6.29 14.54
CA LEU A 405 -13.92 5.94 14.92
C LEU A 405 -14.99 6.68 14.11
N ASN A 406 -14.54 7.43 13.11
CA ASN A 406 -15.39 8.38 12.42
C ASN A 406 -16.56 7.77 11.65
N GLY A 407 -17.65 8.53 11.53
CA GLY A 407 -18.81 8.06 10.80
C GLY A 407 -19.60 7.01 11.55
N ASN A 408 -19.93 7.30 12.80
CA ASN A 408 -20.77 6.42 13.59
C ASN A 408 -21.77 7.24 14.39
N ARG A 409 -22.42 6.57 15.34
CA ARG A 409 -23.30 7.23 16.32
C ARG A 409 -22.75 7.47 17.73
N LEU A 410 -21.45 7.40 17.94
CA LEU A 410 -20.88 7.49 19.29
C LEU A 410 -21.38 8.69 20.09
N ALA A 411 -21.79 8.44 21.34
CA ALA A 411 -22.32 9.51 22.21
C ALA A 411 -21.45 9.78 23.44
N GLY A 412 -21.82 10.79 24.22
CA GLY A 412 -21.06 11.17 25.39
C GLY A 412 -19.78 11.95 25.15
N SER A 413 -18.95 12.07 26.18
CA SER A 413 -17.76 12.91 26.17
C SER A 413 -16.51 12.16 25.77
N ILE A 414 -15.58 12.83 25.11
CA ILE A 414 -14.30 12.19 24.87
C ILE A 414 -13.63 11.93 26.20
N PRO A 415 -13.41 10.65 26.51
CA PRO A 415 -12.94 10.26 27.83
C PRO A 415 -11.53 10.78 28.12
N SER A 416 -11.38 11.35 29.31
CA SER A 416 -10.14 11.97 29.75
C SER A 416 -8.91 11.06 29.67
N GLU A 417 -9.13 9.77 29.84
CA GLU A 417 -8.01 8.84 29.92
C GLU A 417 -7.34 8.65 28.58
N ILE A 418 -7.88 9.28 27.53
CA ILE A 418 -7.22 9.24 26.25
C ILE A 418 -5.88 9.94 26.41
N GLY A 419 -5.79 10.82 27.40
CA GLY A 419 -4.54 11.48 27.71
C GLY A 419 -3.43 10.53 28.10
N ASN A 420 -3.77 9.29 28.43
CA ASN A 420 -2.79 8.26 28.76
C ASN A 420 -2.00 7.73 27.57
N LEU A 421 -2.45 8.01 26.35
CA LEU A 421 -1.84 7.32 25.20
C LEU A 421 -0.70 8.13 24.66
N LYS A 422 0.52 7.63 24.84
CA LYS A 422 1.68 8.45 24.49
C LYS A 422 2.20 8.18 23.08
N ASN A 423 1.70 7.11 22.46
CA ASN A 423 2.08 6.84 21.09
C ASN A 423 1.01 7.24 20.07
N LEU A 424 -0.10 7.80 20.54
CA LEU A 424 -1.21 8.05 19.64
C LEU A 424 -0.89 9.22 18.72
N ASN A 425 -0.78 8.90 17.44
CA ASN A 425 -0.45 9.85 16.35
C ASN A 425 -1.62 10.55 15.64
N PHE A 426 -2.65 9.76 15.38
CA PHE A 426 -3.72 10.09 14.43
C PHE A 426 -5.04 9.69 15.05
N VAL A 427 -5.95 10.64 15.25
CA VAL A 427 -7.25 10.31 15.80
C VAL A 427 -8.36 10.99 15.03
N ASP A 428 -9.31 10.19 14.55
CA ASP A 428 -10.46 10.74 13.87
C ASP A 428 -11.73 10.19 14.51
N ILE A 429 -12.41 11.08 15.24
CA ILE A 429 -13.74 10.83 15.79
C ILE A 429 -14.89 11.58 15.09
N SER A 430 -14.57 12.20 13.98
CA SER A 430 -15.54 13.03 13.27
C SER A 430 -16.83 12.29 12.91
N GLU A 431 -17.91 13.04 12.74
CA GLU A 431 -19.23 12.49 12.39
C GLU A 431 -19.74 11.49 13.41
N ASN A 432 -19.95 11.99 14.62
CA ASN A 432 -20.56 11.20 15.66
C ASN A 432 -21.47 12.12 16.44
N ARG A 433 -22.02 11.66 17.55
CA ARG A 433 -22.85 12.45 18.45
C ARG A 433 -22.16 12.96 19.72
N LEU A 434 -20.83 12.97 19.73
CA LEU A 434 -20.06 13.39 20.91
C LEU A 434 -20.46 14.74 21.48
N VAL A 435 -20.51 14.82 22.81
CA VAL A 435 -20.91 16.05 23.49
C VAL A 435 -19.86 16.55 24.46
N GLY A 436 -20.19 17.61 25.17
CA GLY A 436 -19.28 18.18 26.15
C GLY A 436 -18.04 18.85 25.58
N SER A 437 -17.03 18.98 26.42
CA SER A 437 -15.80 19.70 26.10
C SER A 437 -14.71 18.78 25.59
N ILE A 438 -13.86 19.30 24.72
CA ILE A 438 -12.59 18.65 24.45
C ILE A 438 -11.79 18.63 25.76
N PRO A 439 -11.49 17.43 26.30
CA PRO A 439 -10.83 17.29 27.62
C PRO A 439 -9.38 17.77 27.68
N PRO A 440 -9.05 18.60 28.68
CA PRO A 440 -7.70 19.13 28.93
C PRO A 440 -6.64 18.05 28.91
N ALA A 441 -6.99 16.88 29.45
CA ALA A 441 -6.08 15.75 29.53
C ALA A 441 -5.47 15.32 28.18
N ILE A 442 -6.09 15.72 27.08
CA ILE A 442 -5.59 15.33 25.77
C ILE A 442 -4.25 16.00 25.50
N SER A 443 -3.95 17.01 26.32
CA SER A 443 -2.65 17.67 26.28
C SER A 443 -1.54 16.69 26.59
N GLY A 444 -1.92 15.53 27.11
CA GLY A 444 -0.98 14.49 27.44
C GLY A 444 -0.67 13.53 26.31
N CYS A 445 -1.27 13.73 25.14
CA CYS A 445 -0.91 12.85 24.04
C CYS A 445 0.25 13.53 23.33
N GLU A 446 1.45 13.03 23.60
CA GLU A 446 2.69 13.74 23.26
C GLU A 446 2.96 13.63 21.77
N SER A 447 2.46 12.55 21.19
CA SER A 447 2.73 12.18 19.81
C SER A 447 1.62 12.59 18.85
N LEU A 448 0.56 13.18 19.37
CA LEU A 448 -0.62 13.50 18.55
C LEU A 448 -0.33 14.53 17.44
N GLU A 449 -0.62 14.13 16.20
CA GLU A 449 -0.31 14.93 15.00
C GLU A 449 -1.59 15.37 14.31
N PHE A 450 -2.44 14.39 14.01
CA PHE A 450 -3.70 14.60 13.34
C PHE A 450 -4.87 14.44 14.33
N LEU A 451 -5.67 15.48 14.51
CA LEU A 451 -6.86 15.42 15.36
C LEU A 451 -8.12 15.94 14.64
N ASP A 452 -9.04 15.04 14.30
CA ASP A 452 -10.29 15.39 13.62
C ASP A 452 -11.50 15.07 14.50
N LEU A 453 -12.09 16.12 15.08
CA LEU A 453 -13.34 16.04 15.81
C LEU A 453 -14.58 16.58 15.05
N HIS A 454 -14.43 16.93 13.78
CA HIS A 454 -15.49 17.63 13.06
C HIS A 454 -16.86 16.92 13.00
N THR A 455 -17.94 17.70 12.94
CA THR A 455 -19.30 17.18 12.89
C THR A 455 -19.67 16.35 14.12
N ASN A 456 -19.76 17.04 15.25
CA ASN A 456 -20.21 16.47 16.49
C ASN A 456 -20.97 17.55 17.21
N SER A 457 -21.37 17.25 18.44
CA SER A 457 -22.00 18.23 19.33
C SER A 457 -21.08 18.84 20.39
N LEU A 458 -19.78 18.74 20.18
CA LEU A 458 -18.81 19.28 21.14
C LEU A 458 -19.07 20.76 21.45
N SER A 459 -18.99 21.14 22.71
CA SER A 459 -19.21 22.52 23.08
C SER A 459 -18.21 22.99 24.13
N GLY A 460 -18.45 24.19 24.64
CA GLY A 460 -17.55 24.80 25.59
C GLY A 460 -16.49 25.65 24.91
N SER A 461 -15.51 26.04 25.70
CA SER A 461 -14.44 26.88 25.23
C SER A 461 -13.26 26.04 24.77
N LEU A 462 -12.21 26.71 24.33
CA LEU A 462 -11.10 26.04 23.68
C LEU A 462 -9.80 26.63 24.25
N LEU A 463 -8.95 25.78 24.82
CA LEU A 463 -7.75 26.30 25.48
C LEU A 463 -6.41 25.88 24.82
N GLY A 464 -5.47 26.82 24.78
CA GLY A 464 -4.13 26.54 24.28
C GLY A 464 -3.44 25.48 25.13
N THR A 465 -3.75 25.47 26.42
CA THR A 465 -3.25 24.47 27.36
C THR A 465 -3.78 23.07 27.06
N THR A 466 -4.97 23.02 26.46
CA THR A 466 -5.65 21.77 26.19
C THR A 466 -5.00 20.98 25.06
N LEU A 467 -4.40 21.67 24.08
CA LEU A 467 -3.85 20.98 22.91
C LEU A 467 -2.35 20.67 22.97
N PRO A 468 -1.97 19.45 22.61
CA PRO A 468 -0.56 19.09 22.63
C PRO A 468 0.17 19.75 21.49
N LYS A 469 1.41 20.14 21.70
CA LYS A 469 2.10 21.07 20.79
C LYS A 469 2.74 20.42 19.56
N SER A 470 2.55 19.12 19.41
CA SER A 470 3.02 18.38 18.23
C SER A 470 1.97 18.30 17.11
N LEU A 471 0.77 18.84 17.37
CA LEU A 471 -0.33 18.80 16.39
C LEU A 471 -0.01 19.50 15.07
N LYS A 472 -0.12 18.78 13.96
CA LYS A 472 0.02 19.38 12.65
C LYS A 472 -1.31 19.65 11.97
N PHE A 473 -2.36 18.99 12.45
CA PHE A 473 -3.66 19.05 11.82
C PHE A 473 -4.76 19.07 12.86
N ILE A 474 -5.59 20.12 12.82
CA ILE A 474 -6.75 20.24 13.72
C ILE A 474 -8.02 20.52 12.95
N ASP A 475 -9.03 19.66 13.08
CA ASP A 475 -10.34 19.98 12.53
C ASP A 475 -11.41 19.82 13.60
N PHE A 476 -11.87 20.96 14.12
CA PHE A 476 -12.97 21.05 15.10
C PHE A 476 -14.27 21.53 14.49
N SER A 477 -14.30 21.61 13.17
CA SER A 477 -15.43 22.22 12.50
C SER A 477 -16.75 21.50 12.72
N ASP A 478 -17.84 22.26 12.58
CA ASP A 478 -19.20 21.76 12.70
C ASP A 478 -19.44 21.19 14.09
N ASN A 479 -19.32 22.07 15.07
CA ASN A 479 -19.62 21.74 16.45
C ASN A 479 -20.36 22.93 17.04
N ALA A 480 -20.54 22.90 18.36
CA ALA A 480 -21.06 24.00 19.17
C ALA A 480 -20.01 24.82 19.95
N LEU A 481 -18.73 24.70 19.61
CA LEU A 481 -17.65 25.39 20.34
C LEU A 481 -17.87 26.91 20.52
N SER A 482 -17.42 27.47 21.64
CA SER A 482 -17.67 28.89 21.89
C SER A 482 -16.56 29.65 22.62
N SER A 483 -16.92 30.86 23.01
CA SER A 483 -16.02 31.89 23.47
C SER A 483 -14.94 32.22 22.42
N THR A 484 -13.74 32.54 22.88
CA THR A 484 -12.73 33.12 22.03
C THR A 484 -11.65 32.13 21.66
N LEU A 485 -11.11 32.29 20.47
CA LEU A 485 -9.92 31.56 20.07
C LEU A 485 -8.78 32.02 20.98
N PRO A 486 -8.20 31.08 21.75
CA PRO A 486 -7.20 31.40 22.78
C PRO A 486 -5.85 31.84 22.21
N PRO A 487 -5.20 32.81 22.88
CA PRO A 487 -3.89 33.29 22.45
C PRO A 487 -2.86 32.16 22.35
N GLY A 488 -3.00 31.17 23.23
CA GLY A 488 -2.12 30.02 23.27
C GLY A 488 -2.15 29.17 22.02
N ILE A 489 -3.02 29.53 21.07
CA ILE A 489 -3.03 28.87 19.78
C ILE A 489 -1.64 29.08 19.17
N GLY A 490 -0.99 30.17 19.55
CA GLY A 490 0.35 30.47 19.07
C GLY A 490 1.40 29.49 19.56
N LEU A 491 1.04 28.64 20.51
CA LEU A 491 2.00 27.66 21.00
C LEU A 491 2.13 26.50 20.03
N LEU A 492 1.15 26.36 19.13
CA LEU A 492 1.24 25.24 18.20
C LEU A 492 1.95 25.74 16.96
N THR A 493 3.24 25.43 16.89
CA THR A 493 4.11 25.95 15.84
C THR A 493 4.30 24.94 14.74
N GLU A 494 3.75 23.75 14.96
CA GLU A 494 3.84 22.68 13.98
C GLU A 494 2.56 22.66 13.16
N LEU A 495 1.58 23.43 13.61
CA LEU A 495 0.23 23.32 13.09
C LEU A 495 0.17 23.80 11.63
N THR A 496 -0.29 22.91 10.76
CA THR A 496 -0.34 23.16 9.32
C THR A 496 -1.74 23.57 8.93
N LYS A 497 -2.70 22.69 9.20
CA LYS A 497 -4.09 22.95 8.90
C LYS A 497 -4.89 23.14 10.18
N LEU A 498 -5.66 24.21 10.24
CA LEU A 498 -6.51 24.51 11.38
C LEU A 498 -7.89 24.90 10.87
N ASN A 499 -8.88 24.07 11.16
CA ASN A 499 -10.21 24.29 10.67
C ASN A 499 -11.17 24.27 11.85
N LEU A 500 -11.64 25.47 12.19
CA LEU A 500 -12.58 25.78 13.26
C LEU A 500 -14.01 26.11 12.83
N ALA A 501 -14.32 25.88 11.56
CA ALA A 501 -15.53 26.41 10.92
C ALA A 501 -16.87 25.87 11.46
N LYS A 502 -17.95 26.63 11.23
CA LYS A 502 -19.27 26.29 11.75
C LYS A 502 -19.23 26.03 13.25
N ASN A 503 -18.72 27.00 14.00
CA ASN A 503 -18.88 26.98 15.44
C ASN A 503 -19.50 28.29 15.90
N ARG A 504 -19.63 28.44 17.21
CA ARG A 504 -20.11 29.67 17.83
C ARG A 504 -19.01 30.59 18.34
N LEU A 505 -17.78 30.36 17.89
CA LEU A 505 -16.60 31.11 18.36
C LEU A 505 -16.72 32.63 18.21
N SER A 506 -16.10 33.37 19.13
CA SER A 506 -16.32 34.82 19.25
C SER A 506 -15.06 35.67 19.47
N GLY A 507 -15.23 36.98 19.35
CA GLY A 507 -14.16 37.92 19.64
C GLY A 507 -13.27 38.23 18.44
N GLU A 508 -12.12 38.84 18.72
CA GLU A 508 -11.09 39.13 17.72
C GLU A 508 -10.25 37.89 17.45
N ILE A 509 -9.65 37.83 16.27
CA ILE A 509 -8.56 36.90 16.04
C ILE A 509 -7.37 37.44 16.80
N PRO A 510 -6.80 36.62 17.72
CA PRO A 510 -5.65 37.04 18.53
C PRO A 510 -4.40 37.16 17.68
N ARG A 511 -3.62 38.20 17.91
CA ARG A 511 -2.41 38.46 17.12
C ARG A 511 -1.40 37.34 17.28
N GLU A 512 -1.54 36.60 18.37
CA GLU A 512 -0.69 35.45 18.68
C GLU A 512 -0.69 34.43 17.55
N ILE A 513 -1.77 34.42 16.76
CA ILE A 513 -1.90 33.54 15.60
C ILE A 513 -0.63 33.62 14.73
N SER A 514 -0.02 34.81 14.69
CA SER A 514 1.13 35.08 13.82
C SER A 514 2.28 34.13 14.08
N THR A 515 2.33 33.59 15.29
CA THR A 515 3.49 32.82 15.66
C THR A 515 3.33 31.33 15.32
N CYS A 516 2.25 30.97 14.63
CA CYS A 516 2.14 29.62 14.07
C CYS A 516 2.72 29.71 12.67
N ARG A 517 3.96 29.29 12.52
CA ARG A 517 4.71 29.65 11.32
C ARG A 517 4.59 28.60 10.26
N SER A 518 3.95 27.48 10.59
CA SER A 518 3.78 26.42 9.62
C SER A 518 2.40 26.38 8.96
N LEU A 519 1.55 27.34 9.30
CA LEU A 519 0.14 27.23 8.98
C LEU A 519 -0.13 27.44 7.48
N GLN A 520 -0.60 26.40 6.81
CA GLN A 520 -0.92 26.49 5.41
C GLN A 520 -2.41 26.69 5.14
N LEU A 521 -3.23 26.39 6.14
CA LEU A 521 -4.66 26.43 5.96
C LEU A 521 -5.33 26.93 7.21
N LEU A 522 -6.13 27.97 7.08
CA LEU A 522 -6.88 28.47 8.22
C LEU A 522 -8.32 28.70 7.80
N ASN A 523 -9.23 27.93 8.39
CA ASN A 523 -10.63 28.13 8.16
C ASN A 523 -11.33 28.55 9.44
N LEU A 524 -11.67 29.83 9.51
CA LEU A 524 -12.48 30.40 10.59
C LEU A 524 -13.95 30.61 10.22
N GLY A 525 -14.35 30.12 9.06
CA GLY A 525 -15.68 30.36 8.51
C GLY A 525 -16.90 29.99 9.36
N GLU A 526 -18.02 30.68 9.12
CA GLU A 526 -19.27 30.46 9.83
C GLU A 526 -19.06 30.44 11.35
N ASN A 527 -18.63 31.58 11.88
CA ASN A 527 -18.56 31.78 13.31
C ASN A 527 -19.14 33.15 13.65
N ASP A 528 -18.98 33.55 14.91
CA ASP A 528 -19.29 34.91 15.39
C ASP A 528 -18.13 35.90 15.56
N PHE A 529 -16.96 35.61 14.98
CA PHE A 529 -15.83 36.52 15.09
C PHE A 529 -16.15 37.95 14.64
N SER A 530 -15.52 38.92 15.31
CA SER A 530 -15.79 40.32 15.07
C SER A 530 -14.50 41.13 15.19
N GLY A 531 -14.66 42.46 15.16
CA GLY A 531 -13.54 43.38 15.17
C GLY A 531 -12.88 43.47 13.82
N GLU A 532 -11.62 43.90 13.81
CA GLU A 532 -10.86 44.02 12.58
C GLU A 532 -9.94 42.85 12.40
N ILE A 533 -9.80 42.42 11.16
CA ILE A 533 -8.85 41.37 10.81
C ILE A 533 -7.47 41.87 11.17
N PRO A 534 -6.76 41.14 12.04
CA PRO A 534 -5.46 41.60 12.51
C PRO A 534 -4.42 41.69 11.40
N ASP A 535 -3.46 42.59 11.55
CA ASP A 535 -2.40 42.76 10.57
C ASP A 535 -1.50 41.52 10.61
N GLU A 536 -1.39 40.94 11.80
CA GLU A 536 -0.51 39.80 12.03
C GLU A 536 -0.90 38.59 11.17
N LEU A 537 -2.19 38.49 10.85
CA LEU A 537 -2.67 37.42 9.98
C LEU A 537 -1.99 37.44 8.60
N GLY A 538 -1.51 38.61 8.17
CA GLY A 538 -0.79 38.72 6.91
C GLY A 538 0.70 38.40 7.03
N GLN A 539 1.14 38.12 8.24
CA GLN A 539 2.54 37.86 8.54
C GLN A 539 2.92 36.38 8.52
N ILE A 540 2.01 35.54 8.01
CA ILE A 540 2.22 34.10 8.00
C ILE A 540 2.37 33.64 6.56
N PRO A 541 3.57 33.81 6.01
CA PRO A 541 3.85 33.58 4.59
C PRO A 541 3.67 32.12 4.20
N SER A 542 3.60 31.23 5.19
CA SER A 542 3.32 29.83 4.91
C SER A 542 1.89 29.63 4.41
N LEU A 543 0.98 30.57 4.70
CA LEU A 543 -0.39 30.44 4.21
C LEU A 543 -0.39 30.31 2.70
N ALA A 544 -0.87 29.18 2.23
CA ALA A 544 -0.66 28.74 0.86
C ALA A 544 -1.95 28.20 0.30
N ILE A 545 -2.48 27.19 0.99
CA ILE A 545 -3.66 26.47 0.52
C ILE A 545 -4.93 27.32 0.58
N SER A 546 -5.39 27.67 1.78
CA SER A 546 -6.58 28.52 1.91
C SER A 546 -6.69 29.35 3.20
N LEU A 547 -7.29 30.52 3.06
CA LEU A 547 -7.68 31.35 4.20
C LEU A 547 -9.16 31.66 4.04
N ASN A 548 -9.96 31.10 4.95
CA ASN A 548 -11.41 31.29 4.93
C ASN A 548 -11.84 32.06 6.18
N LEU A 549 -12.20 33.33 5.97
CA LEU A 549 -12.77 34.18 7.02
C LEU A 549 -14.29 34.41 6.92
N SER A 550 -14.93 33.76 5.96
CA SER A 550 -16.31 34.09 5.60
C SER A 550 -17.36 33.83 6.68
N CYS A 551 -18.53 34.44 6.50
CA CYS A 551 -19.68 34.27 7.38
C CYS A 551 -19.38 34.56 8.85
N ASN A 552 -18.69 35.67 9.06
CA ASN A 552 -18.48 36.20 10.38
C ASN A 552 -18.98 37.62 10.43
N ARG A 553 -18.69 38.30 11.53
CA ARG A 553 -18.94 39.74 11.68
C ARG A 553 -17.77 40.70 11.46
N PHE A 554 -16.71 40.27 10.80
CA PHE A 554 -15.56 41.14 10.60
C PHE A 554 -15.89 42.51 9.98
N VAL A 555 -15.18 43.54 10.48
CA VAL A 555 -15.33 44.89 9.96
C VAL A 555 -13.99 45.54 9.63
N GLY A 556 -14.04 46.77 9.15
CA GLY A 556 -12.86 47.49 8.70
C GLY A 556 -12.46 47.06 7.30
N GLU A 557 -11.17 47.21 7.01
CA GLU A 557 -10.62 47.01 5.67
C GLU A 557 -9.68 45.81 5.65
N ILE A 558 -9.46 45.26 4.46
CA ILE A 558 -8.47 44.21 4.33
C ILE A 558 -7.10 44.78 4.65
N PRO A 559 -6.48 44.31 5.75
CA PRO A 559 -5.21 44.82 6.26
C PRO A 559 -4.12 44.84 5.19
N SER A 560 -3.34 45.91 5.14
CA SER A 560 -2.38 46.10 4.07
C SER A 560 -1.35 44.97 4.02
N ARG A 561 -1.03 44.42 5.19
CA ARG A 561 -0.13 43.27 5.28
C ARG A 561 -0.57 42.12 4.38
N PHE A 562 -1.84 42.08 4.01
CA PHE A 562 -2.35 41.02 3.14
C PHE A 562 -1.62 40.93 1.80
N SER A 563 -0.92 42.00 1.41
CA SER A 563 -0.10 41.92 0.20
C SER A 563 1.09 40.94 0.30
N ASP A 564 1.48 40.58 1.54
CA ASP A 564 2.59 39.66 1.79
C ASP A 564 2.15 38.18 1.75
N LEU A 565 0.91 37.98 1.36
CA LEU A 565 0.27 36.67 1.27
C LEU A 565 0.61 35.98 -0.03
N LYS A 566 1.79 36.32 -0.54
CA LYS A 566 2.30 35.90 -1.85
C LYS A 566 2.10 34.42 -2.21
N ASN A 567 1.96 33.53 -1.23
CA ASN A 567 1.63 32.13 -1.57
C ASN A 567 0.16 31.67 -1.47
N LEU A 568 -0.74 32.54 -1.03
CA LEU A 568 -2.14 32.17 -0.86
C LEU A 568 -2.83 31.90 -2.20
N GLY A 569 -3.40 30.71 -2.36
CA GLY A 569 -4.12 30.38 -3.58
C GLY A 569 -5.63 30.59 -3.53
N VAL A 570 -6.18 30.58 -2.32
CA VAL A 570 -7.62 30.70 -2.14
C VAL A 570 -7.93 31.61 -0.95
N LEU A 571 -8.76 32.62 -1.18
CA LEU A 571 -9.12 33.55 -0.11
C LEU A 571 -10.62 33.83 -0.12
N ASP A 572 -11.28 33.58 1.01
CA ASP A 572 -12.71 33.84 1.16
C ASP A 572 -12.99 34.69 2.39
N VAL A 573 -13.33 35.95 2.14
CA VAL A 573 -13.79 36.90 3.15
C VAL A 573 -15.28 37.16 3.10
N SER A 574 -15.98 36.43 2.25
CA SER A 574 -17.36 36.78 1.91
C SER A 574 -18.30 36.77 3.11
N HIS A 575 -19.43 37.46 2.98
CA HIS A 575 -20.42 37.53 4.05
C HIS A 575 -19.87 38.10 5.34
N ASN A 576 -19.21 39.24 5.22
CA ASN A 576 -18.79 40.01 6.38
C ASN A 576 -19.22 41.46 6.22
N GLN A 577 -18.78 42.30 7.14
CA GLN A 577 -19.01 43.76 7.07
C GLN A 577 -17.84 44.60 6.54
N LEU A 578 -16.86 43.94 5.94
CA LEU A 578 -15.67 44.61 5.41
C LEU A 578 -15.96 45.78 4.44
N THR A 579 -15.17 46.85 4.56
CA THR A 579 -15.32 48.06 3.75
C THR A 579 -14.01 48.42 3.03
N GLY A 580 -13.97 49.59 2.40
CA GLY A 580 -12.78 50.00 1.68
C GLY A 580 -12.64 49.27 0.37
N ASN A 581 -11.45 49.29 -0.22
CA ASN A 581 -11.26 48.70 -1.54
C ASN A 581 -10.33 47.49 -1.56
N LEU A 582 -10.11 46.98 -2.76
CA LEU A 582 -9.38 45.73 -2.93
C LEU A 582 -7.92 45.85 -3.36
N ASN A 583 -7.41 47.06 -3.44
CA ASN A 583 -6.09 47.32 -4.04
C ASN A 583 -4.95 46.50 -3.44
N VAL A 584 -5.03 46.28 -2.15
CA VAL A 584 -4.08 45.46 -1.42
C VAL A 584 -3.98 44.05 -2.01
N LEU A 585 -5.03 43.58 -2.68
CA LEU A 585 -5.04 42.24 -3.26
C LEU A 585 -4.56 42.15 -4.71
N THR A 586 -4.38 43.30 -5.37
CA THR A 586 -4.19 43.32 -6.83
C THR A 586 -2.89 42.67 -7.28
N ASP A 587 -1.91 42.63 -6.40
CA ASP A 587 -0.61 42.09 -6.76
C ASP A 587 -0.37 40.62 -6.41
N LEU A 588 -1.37 39.91 -5.93
CA LEU A 588 -1.13 38.55 -5.49
C LEU A 588 -1.28 37.64 -6.70
N GLN A 589 -0.14 37.19 -7.19
CA GLN A 589 -0.03 36.58 -8.51
C GLN A 589 -0.47 35.12 -8.48
N ASN A 590 -0.43 34.53 -7.30
CA ASN A 590 -0.81 33.13 -7.10
C ASN A 590 -2.25 32.91 -6.65
N LEU A 591 -3.03 33.98 -6.55
CA LEU A 591 -4.37 33.85 -6.04
C LEU A 591 -5.27 33.31 -7.14
N VAL A 592 -5.78 32.10 -6.95
CA VAL A 592 -6.67 31.44 -7.90
C VAL A 592 -8.12 31.82 -7.68
N SER A 593 -8.49 31.88 -6.40
CA SER A 593 -9.88 31.97 -6.01
C SER A 593 -10.08 33.08 -4.99
N LEU A 594 -11.01 33.97 -5.30
CA LEU A 594 -11.29 35.12 -4.44
C LEU A 594 -12.78 35.22 -4.28
N ASN A 595 -13.27 35.09 -3.06
CA ASN A 595 -14.67 35.36 -2.80
C ASN A 595 -14.77 36.59 -1.88
N ILE A 596 -15.15 37.72 -2.48
CA ILE A 596 -15.37 38.98 -1.75
C ILE A 596 -16.86 39.38 -1.55
N SER A 597 -17.75 38.52 -1.99
CA SER A 597 -19.17 38.87 -2.04
C SER A 597 -19.83 39.09 -0.69
N TYR A 598 -20.97 39.78 -0.71
CA TYR A 598 -21.73 40.13 0.50
C TYR A 598 -20.87 40.83 1.54
N ASN A 599 -20.20 41.87 1.09
CA ASN A 599 -19.50 42.78 1.96
C ASN A 599 -19.91 44.21 1.64
N ASP A 600 -19.27 45.15 2.30
CA ASP A 600 -19.40 46.59 2.05
C ASP A 600 -18.27 47.20 1.19
N PHE A 601 -17.53 46.38 0.45
CA PHE A 601 -16.46 46.89 -0.41
C PHE A 601 -16.95 47.91 -1.48
N SER A 602 -16.06 48.80 -1.89
CA SER A 602 -16.37 49.81 -2.87
C SER A 602 -15.10 50.30 -3.55
N GLY A 603 -15.25 50.87 -4.75
CA GLY A 603 -14.11 51.27 -5.54
C GLY A 603 -13.91 50.42 -6.76
N ASP A 604 -12.85 50.74 -7.48
CA ASP A 604 -12.59 50.11 -8.77
C ASP A 604 -11.53 49.03 -8.75
N LEU A 605 -11.74 48.04 -9.61
CA LEU A 605 -10.81 46.95 -9.79
C LEU A 605 -10.34 46.99 -11.24
N PRO A 606 -9.05 46.69 -11.47
CA PRO A 606 -8.47 46.75 -12.81
C PRO A 606 -9.10 45.73 -13.77
N ASN A 607 -8.87 45.91 -15.06
CA ASN A 607 -9.49 45.07 -16.11
C ASN A 607 -8.72 43.77 -16.38
N THR A 608 -7.77 43.44 -15.52
CA THR A 608 -7.04 42.17 -15.60
C THR A 608 -7.98 40.97 -15.73
N PRO A 609 -7.56 39.93 -16.48
CA PRO A 609 -8.42 38.76 -16.69
C PRO A 609 -8.81 38.12 -15.36
N PHE A 610 -7.93 38.26 -14.37
CA PHE A 610 -8.24 37.75 -13.03
C PHE A 610 -9.53 38.31 -12.45
N PHE A 611 -9.54 39.62 -12.22
CA PHE A 611 -10.71 40.27 -11.65
C PHE A 611 -11.92 40.15 -12.55
N ARG A 612 -11.70 40.21 -13.86
CA ARG A 612 -12.76 40.00 -14.85
C ARG A 612 -13.42 38.64 -14.69
N ARG A 613 -12.68 37.67 -14.15
CA ARG A 613 -13.27 36.36 -13.84
C ARG A 613 -14.19 36.39 -12.61
N LEU A 614 -14.22 37.49 -11.86
CA LEU A 614 -15.11 37.58 -10.70
C LEU A 614 -16.56 37.71 -11.14
N PRO A 615 -17.45 36.91 -10.57
CA PRO A 615 -18.87 36.95 -10.92
C PRO A 615 -19.46 38.33 -10.66
N LEU A 616 -20.19 38.86 -11.62
CA LEU A 616 -20.76 40.19 -11.46
C LEU A 616 -21.71 40.22 -10.26
N SER A 617 -22.32 39.08 -9.97
CA SER A 617 -23.22 39.00 -8.82
C SER A 617 -22.45 39.24 -7.52
N ASP A 618 -21.15 38.97 -7.55
CA ASP A 618 -20.27 39.21 -6.41
C ASP A 618 -19.98 40.69 -6.20
N LEU A 619 -19.89 41.44 -7.30
CA LEU A 619 -19.75 42.88 -7.19
C LEU A 619 -21.10 43.52 -6.80
N ALA A 620 -22.19 42.88 -7.21
CA ALA A 620 -23.53 43.42 -6.97
C ALA A 620 -23.95 43.33 -5.50
N SER A 621 -23.35 42.39 -4.76
CA SER A 621 -23.61 42.23 -3.34
C SER A 621 -22.72 43.12 -2.45
N ASN A 622 -21.96 44.01 -3.08
CA ASN A 622 -21.16 45.00 -2.35
C ASN A 622 -21.71 46.43 -2.35
N ARG A 623 -20.92 47.36 -1.82
CA ARG A 623 -21.33 48.76 -1.73
C ARG A 623 -21.10 49.50 -3.05
N GLY A 624 -19.83 49.67 -3.40
CA GLY A 624 -19.37 50.36 -4.60
C GLY A 624 -18.51 49.70 -5.65
N LEU A 625 -18.49 48.38 -5.79
CA LEU A 625 -17.44 47.75 -6.62
C LEU A 625 -17.69 47.75 -8.11
N TYR A 626 -16.66 48.07 -8.90
CA TYR A 626 -16.81 47.98 -10.36
C TYR A 626 -15.48 47.80 -11.11
N ILE A 627 -15.52 47.16 -12.27
CA ILE A 627 -14.31 47.06 -13.10
C ILE A 627 -14.11 48.35 -13.87
N SER A 628 -12.90 48.89 -13.84
CA SER A 628 -12.64 50.13 -14.54
C SER A 628 -11.66 49.85 -15.67
N ASN A 629 -11.64 50.76 -16.63
CA ASN A 629 -10.70 50.68 -17.73
C ASN A 629 -9.67 51.78 -17.60
N ALA A 630 -8.41 51.44 -17.76
CA ALA A 630 -7.36 52.42 -17.59
C ALA A 630 -7.30 53.43 -18.75
N ILE A 631 -6.81 54.63 -18.49
CA ILE A 631 -6.71 55.66 -19.49
C ILE A 631 -5.51 55.46 -20.38
N SER A 632 -5.63 55.74 -21.66
CA SER A 632 -4.48 55.67 -22.54
C SER A 632 -3.76 56.98 -22.47
N THR A 633 -2.47 56.92 -22.29
CA THR A 633 -1.74 58.09 -21.96
C THR A 633 -0.43 58.10 -22.65
N ASP B 1 16.20 -7.30 -9.06
CA ASP B 1 16.61 -8.65 -9.34
C ASP B 1 15.33 -9.29 -9.91
N PTR B 2 14.32 -8.50 -10.26
CA PTR B 2 12.95 -9.05 -10.27
C PTR B 2 12.62 -9.32 -8.80
O PTR B 2 13.44 -9.70 -7.95
CB PTR B 2 12.63 -10.14 -11.34
CG PTR B 2 12.87 -11.63 -11.04
CD1 PTR B 2 11.92 -12.42 -10.40
CD2 PTR B 2 14.01 -12.28 -11.50
CE1 PTR B 2 12.15 -13.77 -10.16
CE2 PTR B 2 14.25 -13.60 -11.26
CZ PTR B 2 13.32 -14.36 -10.60
OH PTR B 2 13.56 -15.61 -10.40
P PTR B 2 13.00 -16.71 -11.39
O1P PTR B 2 11.62 -16.33 -11.95
O2P PTR B 2 13.98 -16.83 -12.48
O3P PTR B 2 12.87 -18.03 -10.65
N SER B 3 11.38 -9.03 -8.42
CA SER B 3 11.13 -9.00 -7.02
C SER B 3 11.12 -10.44 -6.53
N ASN B 4 11.41 -10.65 -5.25
CA ASN B 4 11.12 -11.93 -4.62
C ASN B 4 9.62 -12.13 -4.62
N PRO B 5 9.17 -13.37 -4.50
CA PRO B 5 7.72 -13.55 -4.36
C PRO B 5 7.15 -12.79 -3.17
N GLY B 6 5.92 -12.31 -3.30
CA GLY B 6 5.25 -11.57 -2.25
C GLY B 6 3.75 -11.78 -2.30
N HIS B 7 3.08 -11.49 -1.20
CA HIS B 7 1.62 -11.58 -1.18
C HIS B 7 1.07 -10.21 -1.58
N HIS B 8 -0.25 -10.13 -1.73
CA HIS B 8 -0.93 -8.88 -1.98
C HIS B 8 -0.70 -7.95 -0.80
N PRO B 9 -0.15 -6.76 -1.06
CA PRO B 9 0.05 -5.78 0.01
C PRO B 9 -1.29 -5.42 0.65
N HZP B 10 -1.37 -5.47 1.98
CA HZP B 10 -2.64 -5.22 2.62
C HZP B 10 -2.88 -3.72 2.78
O HZP B 10 -1.98 -2.94 2.99
CB HZP B 10 -2.58 -5.91 3.97
CG HZP B 10 -1.36 -6.80 3.88
CD HZP B 10 -0.43 -6.13 2.88
OD1 HZP B 10 -0.77 -6.91 5.15
N ARG B 11 -4.15 -3.34 2.61
CA ARG B 11 -4.53 -1.95 2.69
C ARG B 11 -5.56 -1.77 3.81
N HIS B 12 -5.46 -0.66 4.52
CA HIS B 12 -6.39 -0.36 5.59
C HIS B 12 -6.74 1.12 5.51
N ASN B 13 -7.64 1.57 6.39
CA ASN B 13 -8.13 2.93 6.34
C ASN B 13 -7.34 3.93 7.18
C1 NAG C . -8.15 -0.97 32.29
C2 NAG C . -8.82 -2.36 32.33
C3 NAG C . -9.71 -2.44 33.56
C4 NAG C . -8.98 -2.01 34.84
C5 NAG C . -8.25 -0.69 34.62
C6 NAG C . -7.46 -0.19 35.85
C7 NAG C . -9.39 -3.49 30.18
C8 NAG C . -10.27 -3.39 28.97
N2 NAG C . -9.62 -2.59 31.14
O3 NAG C . -10.26 -3.73 33.71
O4 NAG C . -9.95 -1.83 35.85
O5 NAG C . -7.42 -0.80 33.49
O6 NAG C . -6.35 -0.98 36.21
O7 NAG C . -8.52 -4.37 30.24
C1 NAG C . -9.76 -2.66 37.04
C2 NAG C . -10.59 -2.10 38.20
C3 NAG C . -10.46 -3.01 39.43
C4 NAG C . -10.64 -4.48 39.07
C5 NAG C . -9.81 -4.88 37.85
C6 NAG C . -10.14 -6.30 37.43
C7 NAG C . -10.74 0.34 38.03
C8 NAG C . -10.19 1.66 38.49
N2 NAG C . -10.16 -0.75 38.54
O3 NAG C . -11.43 -2.64 40.38
O4 NAG C . -10.27 -5.27 40.18
O5 NAG C . -10.05 -4.01 36.76
O6 NAG C . -9.42 -6.63 36.27
O7 NAG C . -11.67 0.30 37.23
C1 NAG D . -15.53 29.10 3.42
C2 NAG D . -15.79 28.13 2.27
C3 NAG D . -17.27 27.93 1.94
C4 NAG D . -18.04 27.58 3.21
C5 NAG D . -17.84 28.75 4.17
C6 NAG D . -18.56 28.49 5.49
C7 NAG D . -14.21 27.88 0.43
C8 NAG D . -13.49 28.58 -0.69
N2 NAG D . -15.11 28.60 1.08
O3 NAG D . -17.39 26.91 0.97
O4 NAG D . -19.41 27.23 2.99
O5 NAG D . -16.47 28.95 4.47
O6 NAG D . -17.99 27.38 6.13
O7 NAG D . -13.96 26.70 0.70
C1 NAG E . -16.84 31.73 -2.37
C2 NAG E . -17.76 30.68 -1.73
C3 NAG E . -17.22 29.24 -1.84
C4 NAG E . -16.75 28.90 -3.24
C5 NAG E . -15.86 30.02 -3.78
C6 NAG E . -15.53 29.81 -5.24
C7 NAG E . -19.27 31.10 0.18
C8 NAG E . -19.39 31.61 1.58
N2 NAG E . -18.04 31.05 -0.35
O3 NAG E . -18.21 28.31 -1.47
O4 NAG E . -16.15 27.59 -3.31
O5 NAG E . -16.49 31.30 -3.68
O6 NAG E . -16.67 30.16 -6.00
O7 NAG E . -20.28 30.72 -0.43
#